data_8B14
#
_entry.id   8B14
#
_cell.length_a   1.00
_cell.length_b   1.00
_cell.length_c   1.00
_cell.angle_alpha   90.00
_cell.angle_beta   90.00
_cell.angle_gamma   90.00
#
_symmetry.space_group_name_H-M   'P 1'
#
loop_
_entity.id
_entity.type
_entity.pdbx_description
1 polymer 'FhuA iron-ferrichrome transporter'
2 polymer 'pb5 bacteriophage T5 receptor binding protein'
3 non-polymer DECYLAMINE-N,N-DIMETHYL-N-OXIDE
4 non-polymer '[(2R,3S,4R,5R,6R)-2-[[(2R,4R,5R,6R)-6-[(1R)-1,2-bis(oxidanyl)ethyl]-4-[(2R,4R,5R,6R)-6-[(1R)-1,2-bis(oxidanyl)ethyl]-2-carboxy-4,5-bis(oxidanyl)oxan-2-yl]oxy-2-carboxy-5-oxidanyl-oxan-2-yl]oxymethyl]-5-[[(3R)-3-dodecanoyloxytetradecanoyl]amino]-4-(3-nonanoyloxypropanoyloxy)-6-[[(2R,3S,4R,5R,6R)-3-oxidanyl-4-[(3S)-3-oxidanyltetradecanoyl]oxy-5-[[(3R)-3-oxidanyltridecanoyl]amino]-6-phosphonatooxy-oxan-2-yl]methoxy]oxan-3-yl] phosphate'
#
loop_
_entity_poly.entity_id
_entity_poly.type
_entity_poly.pdbx_seq_one_letter_code
_entity_poly.pdbx_strand_id
1 'polypeptide(L)'
;AVEPKEDTITVTAAPAPQESAWGPAATIAARQSATGTKTDTPIQKVPQSISVVTAEEMALHQPKSVKEALSYTPGVSVGT
RGASNTYDHLIIRGFAAEGQSQNNYLNGLKLQGNFYNDAVIDPYMLERAEIMRGPVSVLYGKSSPGGLLNMVSKRPTTEP
LKEVQFKAGTDSLFQTGFDFSDSLDDDGVYSYRLTGLARSANAQQKGSEEQRYAIAPAFTWRPDDKTNFTFLSYFQNEPE
TGYYGWLPKEGTVEPLPNGKRLPTDFNEGAKNNTYSRNEKMVGYSFDHEFNDTFTVRQNLRFAENKTSQNSVYGYGVCSD
PANAYSKQCAALAPADKGHYLARKYVVDDEKLQNFSVDTQLQSKFATGDIDHTLLTGVDFMRMRNDINAWFGYDDSVPLL
NLYNPSHHHHHHGSVNTDFDFNAKDPANSGPYRILNKQKQTGVYVQDQAQWDKVLVTLGGRYDWADQESLNRVAGTTDKR
DDKQFTWRGGVNYLFDNGVTPYFSYSESFEPSSQVGKDGNIFAPSKGKQYEVGVKYVPEDRPIVVTGAVYNLTKTNNLMA
DPEGSFFSVEGGEIRARGVEIEAKAALSASVNVVGSYTYTDAEYTTDTTYKGNTPAQVPKHMASLWADYTFFDGPLSGLT
LGTGGRYTGSSYGDPANSFKVGSYTVVDALVRYDLARVGMAGSNVALHVNNLFDREYVASCFNTYGCFWGAERQVVATAT
FRF
;
A
2 'polypeptide(L)'
;MSFFAGKLNNKSILSLRRGSGGDTNQHINPDSQTIFHSDMSHVIITETHSTGLRLDQGAGDYYWSEMPSRVTQLHNNDPN
RVVLTEIEFSDGSRHMLSGMSMGVGAKAYGIINPQIMSQGGLKTQITASADLSLDVGYFNTGTSGTIPQKLRDGTGCQHM
FGAFSGRRGFASSAMYLGGAALYKSAWSGSGYVVADAGTLTIPSDYVRHPGARNFGFNAIYVRGRSCNRVLYGMEGPNYT
TGGAVQGASSSGALNFTYNPSNPESPKYSVGFARADPTNYAYWESMGDPNDSANGPIGIYSEHLGIYPSKITWYVTNLVY
NGSGYNIDGGLFNGNDIKLSPREFIIKGVNVNNTSWKFINFIEKNFNVGNRADFRDVGCNLSKDSPSTGISGIATFGLPT
TESNNAPSIKGGNVGGLHANVVSIYNFLPSASWYVSSNPPKIGNNYGDVWSENLLPLRLLGGSGSTILSGNIVFQGNGSV
HVGTVGLDLNSSRNGAIVCTMEFIDDTWLSAGGIGCFNPTEMLSQGAEYGDSRFRIGGNTINKKLHQILSLPAGEYVPFF
TIKGTVVNACKLQAAAYNPTPYWVSGLPGSVGQTGYYTLTYYMRNDGNNNISIWLDSSMSNIIGMKACLPNIKLIIQRLT
;
B
#
# COMPACT_ATOMS: atom_id res chain seq x y z
N GLN A 18 -37.84 44.25 -24.28
CA GLN A 18 -36.55 44.12 -23.62
C GLN A 18 -36.37 42.72 -23.05
N GLU A 19 -35.13 42.23 -23.05
CA GLU A 19 -34.82 40.93 -22.50
C GLU A 19 -33.45 40.97 -21.84
N SER A 20 -33.23 40.03 -20.92
CA SER A 20 -32.00 39.96 -20.16
C SER A 20 -30.86 39.38 -21.00
N ALA A 21 -29.64 39.49 -20.47
CA ALA A 21 -28.48 39.02 -21.21
C ALA A 21 -28.39 37.49 -21.20
N TRP A 22 -28.67 36.87 -20.06
CA TRP A 22 -28.57 35.42 -19.95
C TRP A 22 -29.67 34.69 -20.70
N GLY A 23 -30.70 35.39 -21.14
CA GLY A 23 -31.79 34.77 -21.85
C GLY A 23 -31.37 34.19 -23.19
N PRO A 24 -31.02 35.06 -24.14
CA PRO A 24 -30.51 34.56 -25.42
C PRO A 24 -29.23 33.76 -25.29
N ALA A 25 -28.43 34.03 -24.26
CA ALA A 25 -27.17 33.31 -24.10
C ALA A 25 -27.39 31.82 -23.90
N ALA A 26 -28.41 31.47 -23.12
CA ALA A 26 -28.65 30.05 -22.82
C ALA A 26 -29.25 29.31 -24.01
N THR A 27 -30.03 30.00 -24.84
CA THR A 27 -30.77 29.33 -25.89
C THR A 27 -30.30 29.67 -27.31
N ILE A 28 -29.44 30.67 -27.48
CA ILE A 28 -28.96 31.02 -28.81
C ILE A 28 -27.44 30.91 -28.85
N ALA A 29 -26.77 31.67 -28.00
CA ALA A 29 -25.31 31.64 -27.97
C ALA A 29 -24.78 30.28 -27.53
N ALA A 30 -25.56 29.55 -26.73
CA ALA A 30 -25.17 28.22 -26.29
C ALA A 30 -25.47 27.14 -27.32
N ARG A 31 -25.71 27.52 -28.57
CA ARG A 31 -25.91 26.55 -29.63
C ARG A 31 -24.65 26.28 -30.43
N GLN A 32 -23.69 27.21 -30.42
CA GLN A 32 -22.41 26.97 -31.06
C GLN A 32 -21.50 26.20 -30.11
N SER A 33 -20.70 25.30 -30.70
CA SER A 33 -19.88 24.40 -29.89
C SER A 33 -18.65 24.02 -30.71
N ALA A 34 -17.48 24.49 -30.27
CA ALA A 34 -16.24 23.99 -30.84
C ALA A 34 -15.90 22.62 -30.28
N THR A 35 -16.20 22.36 -29.01
CA THR A 35 -15.96 21.06 -28.43
C THR A 35 -16.85 20.01 -29.09
N GLY A 36 -16.39 18.77 -29.10
CA GLY A 36 -17.11 17.69 -29.71
C GLY A 36 -16.82 17.48 -31.18
N THR A 37 -16.34 18.51 -31.87
CA THR A 37 -15.90 18.38 -33.26
C THR A 37 -14.60 19.11 -33.54
N LYS A 38 -14.08 19.92 -32.62
CA LYS A 38 -12.93 20.79 -32.80
C LYS A 38 -13.14 21.81 -33.91
N THR A 39 -14.34 21.88 -34.48
CA THR A 39 -14.72 22.92 -35.42
C THR A 39 -15.96 23.60 -34.86
N ASP A 40 -16.18 24.86 -35.24
CA ASP A 40 -17.34 25.58 -34.75
C ASP A 40 -18.60 25.04 -35.41
N THR A 41 -19.26 24.11 -34.73
CA THR A 41 -20.41 23.38 -35.22
C THR A 41 -21.61 23.60 -34.33
N PRO A 42 -22.80 23.80 -34.90
CA PRO A 42 -24.02 23.87 -34.08
C PRO A 42 -24.25 22.55 -33.36
N ILE A 43 -24.87 22.64 -32.18
CA ILE A 43 -25.01 21.46 -31.33
C ILE A 43 -25.85 20.39 -32.02
N GLN A 44 -26.82 20.81 -32.83
CA GLN A 44 -27.67 19.83 -33.51
C GLN A 44 -26.89 19.03 -34.55
N LYS A 45 -25.75 19.53 -35.00
CA LYS A 45 -24.91 18.84 -35.97
C LYS A 45 -23.78 18.06 -35.31
N VAL A 46 -23.76 18.01 -33.97
CA VAL A 46 -22.78 17.22 -33.24
C VAL A 46 -23.41 15.85 -32.95
N PRO A 47 -22.77 14.75 -33.34
CA PRO A 47 -23.36 13.43 -33.14
C PRO A 47 -23.32 12.93 -31.70
N GLN A 48 -22.96 13.78 -30.74
CA GLN A 48 -22.81 13.37 -29.36
C GLN A 48 -23.46 14.39 -28.44
N SER A 49 -23.80 13.95 -27.24
CA SER A 49 -24.38 14.84 -26.24
C SER A 49 -23.37 15.89 -25.81
N ILE A 50 -23.77 17.15 -25.81
CA ILE A 50 -22.90 18.25 -25.41
C ILE A 50 -23.75 19.34 -24.79
N SER A 51 -23.30 19.86 -23.65
CA SER A 51 -23.99 20.94 -22.95
C SER A 51 -23.05 22.14 -22.87
N VAL A 52 -23.60 23.33 -23.07
CA VAL A 52 -22.81 24.56 -23.11
C VAL A 52 -23.36 25.50 -22.05
N VAL A 53 -22.47 26.04 -21.22
CA VAL A 53 -22.80 27.07 -20.25
C VAL A 53 -21.98 28.30 -20.60
N THR A 54 -22.65 29.43 -20.80
CA THR A 54 -21.97 30.64 -21.24
C THR A 54 -21.65 31.53 -20.05
N ALA A 55 -20.86 32.58 -20.32
CA ALA A 55 -20.47 33.51 -19.28
C ALA A 55 -21.68 34.27 -18.73
N GLU A 56 -22.68 34.50 -19.57
CA GLU A 56 -23.88 35.20 -19.11
C GLU A 56 -24.66 34.36 -18.12
N GLU A 57 -24.81 33.06 -18.40
CA GLU A 57 -25.46 32.16 -17.45
C GLU A 57 -24.65 32.08 -16.16
N MET A 58 -23.33 31.98 -16.27
CA MET A 58 -22.48 31.97 -15.08
C MET A 58 -22.52 33.30 -14.36
N ALA A 59 -22.70 34.40 -15.09
CA ALA A 59 -22.86 35.69 -14.44
C ALA A 59 -24.14 35.73 -13.62
N LEU A 60 -25.21 35.13 -14.12
CA LEU A 60 -26.47 35.11 -13.38
C LEU A 60 -26.38 34.23 -12.15
N HIS A 61 -25.88 33.00 -12.30
CA HIS A 61 -25.87 32.07 -11.18
C HIS A 61 -24.72 32.32 -10.22
N GLN A 62 -23.62 32.88 -10.69
CA GLN A 62 -22.42 33.08 -9.90
C GLN A 62 -21.94 31.77 -9.25
N PRO A 63 -21.60 30.75 -10.04
CA PRO A 63 -21.14 29.49 -9.45
C PRO A 63 -19.80 29.67 -8.76
N LYS A 64 -19.63 28.94 -7.66
CA LYS A 64 -18.38 29.03 -6.93
C LYS A 64 -17.22 28.40 -7.71
N SER A 65 -17.53 27.41 -8.54
CA SER A 65 -16.52 26.77 -9.38
C SER A 65 -17.18 26.35 -10.68
N VAL A 66 -16.43 25.65 -11.52
CA VAL A 66 -16.99 25.15 -12.76
C VAL A 66 -18.02 24.06 -12.49
N LYS A 67 -17.86 23.32 -11.39
CA LYS A 67 -18.82 22.28 -11.06
C LYS A 67 -20.23 22.83 -10.92
N GLU A 68 -20.39 23.87 -10.11
CA GLU A 68 -21.71 24.45 -9.87
C GLU A 68 -22.28 25.10 -11.12
N ALA A 69 -21.43 25.49 -12.08
CA ALA A 69 -21.93 26.04 -13.33
C ALA A 69 -22.70 24.99 -14.12
N LEU A 70 -22.34 23.72 -13.96
CA LEU A 70 -23.00 22.62 -14.65
C LEU A 70 -24.07 21.95 -13.81
N SER A 71 -24.71 22.73 -12.93
CA SER A 71 -25.69 22.15 -12.01
C SER A 71 -27.00 21.76 -12.69
N TYR A 72 -27.29 22.33 -13.85
CA TYR A 72 -28.54 22.11 -14.54
C TYR A 72 -28.33 21.49 -15.91
N THR A 73 -27.33 20.61 -16.01
CA THR A 73 -27.07 19.82 -17.19
C THR A 73 -27.15 18.34 -16.83
N PRO A 74 -27.64 17.49 -17.73
CA PRO A 74 -27.82 16.08 -17.39
C PRO A 74 -26.53 15.29 -17.48
N GLY A 75 -26.55 14.12 -16.86
CA GLY A 75 -25.51 13.13 -17.00
C GLY A 75 -24.24 13.38 -16.23
N VAL A 76 -24.19 14.44 -15.42
CA VAL A 76 -22.98 14.80 -14.68
C VAL A 76 -23.36 14.97 -13.21
N SER A 77 -22.54 14.40 -12.33
CA SER A 77 -22.72 14.54 -10.89
C SER A 77 -21.67 15.52 -10.39
N VAL A 78 -22.10 16.75 -10.12
CA VAL A 78 -21.17 17.84 -9.84
C VAL A 78 -20.86 18.02 -8.36
N GLY A 79 -21.70 17.49 -7.47
CA GLY A 79 -21.53 17.76 -6.05
C GLY A 79 -21.33 16.53 -5.19
N THR A 80 -20.57 15.56 -5.69
CA THR A 80 -20.33 14.34 -4.92
C THR A 80 -19.43 14.60 -3.71
N ARG A 81 -18.50 15.55 -3.82
CA ARG A 81 -17.60 15.87 -2.73
C ARG A 81 -18.22 16.80 -1.71
N GLY A 82 -19.41 17.31 -1.96
CA GLY A 82 -20.07 18.14 -0.97
C GLY A 82 -19.41 19.50 -0.86
N ALA A 83 -19.17 19.93 0.38
CA ALA A 83 -18.72 21.29 0.66
C ALA A 83 -17.29 21.56 0.19
N SER A 84 -16.51 20.54 -0.12
CA SER A 84 -15.13 20.76 -0.52
C SER A 84 -15.07 21.43 -1.89
N ASN A 85 -14.05 22.26 -2.08
CA ASN A 85 -13.86 23.02 -3.31
C ASN A 85 -12.45 22.84 -3.89
N THR A 86 -11.67 21.90 -3.38
CA THR A 86 -10.26 21.81 -3.77
C THR A 86 -10.10 21.47 -5.24
N TYR A 87 -10.93 20.56 -5.76
CA TYR A 87 -10.80 20.11 -7.13
C TYR A 87 -12.15 20.19 -7.83
N ASP A 88 -12.10 20.34 -9.16
CA ASP A 88 -13.29 20.34 -9.99
C ASP A 88 -13.55 18.95 -10.56
N HIS A 89 -13.64 17.97 -9.66
CA HIS A 89 -13.86 16.59 -10.05
C HIS A 89 -15.30 16.37 -10.48
N LEU A 90 -15.48 15.69 -11.62
CA LEU A 90 -16.81 15.43 -12.16
C LEU A 90 -16.97 13.94 -12.43
N ILE A 91 -18.14 13.41 -12.08
CA ILE A 91 -18.53 12.05 -12.44
C ILE A 91 -19.54 12.17 -13.56
N ILE A 92 -19.12 11.87 -14.78
CA ILE A 92 -19.95 12.00 -15.97
C ILE A 92 -20.39 10.60 -16.39
N ARG A 93 -21.71 10.41 -16.47
CA ARG A 93 -22.30 9.15 -16.91
C ARG A 93 -21.77 7.97 -16.09
N GLY A 94 -21.66 8.16 -14.79
CA GLY A 94 -21.23 7.10 -13.90
C GLY A 94 -19.74 6.80 -13.91
N PHE A 95 -18.93 7.61 -14.60
CA PHE A 95 -17.52 7.34 -14.73
C PHE A 95 -16.71 8.56 -14.33
N ALA A 96 -15.53 8.31 -13.78
CA ALA A 96 -14.55 9.35 -13.48
C ALA A 96 -13.26 9.01 -14.22
N ALA A 97 -12.33 9.97 -14.22
CA ALA A 97 -11.04 9.73 -14.86
C ALA A 97 -10.26 8.68 -14.09
N GLU A 98 -9.26 8.10 -14.75
CA GLU A 98 -8.43 7.10 -14.11
C GLU A 98 -7.70 7.70 -12.91
N GLY A 99 -7.75 7.00 -11.79
CA GLY A 99 -7.16 7.51 -10.56
C GLY A 99 -7.97 8.59 -9.90
N GLN A 100 -9.26 8.68 -10.20
CA GLN A 100 -10.14 9.72 -9.66
C GLN A 100 -9.58 11.10 -9.91
N SER A 101 -8.92 11.28 -11.05
CA SER A 101 -8.39 12.56 -11.45
C SER A 101 -9.53 13.41 -11.99
N GLN A 102 -9.20 14.53 -12.64
CA GLN A 102 -10.19 15.37 -13.29
C GLN A 102 -9.88 15.41 -14.78
N ASN A 103 -10.89 15.16 -15.60
CA ASN A 103 -10.72 15.14 -17.05
C ASN A 103 -11.07 16.50 -17.64
N ASN A 104 -10.45 17.55 -17.11
CA ASN A 104 -10.80 18.93 -17.45
C ASN A 104 -9.89 19.46 -18.54
N TYR A 105 -10.47 20.22 -19.47
CA TYR A 105 -9.74 20.80 -20.58
C TYR A 105 -9.94 22.31 -20.57
N LEU A 106 -8.87 23.05 -20.86
CA LEU A 106 -8.92 24.49 -20.99
C LEU A 106 -8.50 24.86 -22.40
N ASN A 107 -9.37 25.56 -23.12
CA ASN A 107 -9.09 26.05 -24.46
C ASN A 107 -8.72 24.92 -25.42
N GLY A 108 -9.35 23.76 -25.25
CA GLY A 108 -9.10 22.63 -26.11
C GLY A 108 -7.86 21.83 -25.79
N LEU A 109 -7.11 22.22 -24.78
CA LEU A 109 -5.93 21.48 -24.33
C LEU A 109 -6.17 20.94 -22.93
N LYS A 110 -5.75 19.71 -22.69
CA LYS A 110 -6.00 19.06 -21.42
C LYS A 110 -5.25 19.76 -20.30
N LEU A 111 -5.95 20.03 -19.20
CA LEU A 111 -5.33 20.51 -17.97
C LEU A 111 -4.80 19.30 -17.22
N GLN A 112 -3.73 18.72 -17.78
CA GLN A 112 -3.22 17.46 -17.27
C GLN A 112 -2.68 17.62 -15.86
N GLY A 113 -3.13 16.74 -14.97
CA GLY A 113 -2.64 16.72 -13.62
C GLY A 113 -2.34 15.30 -13.19
N ASN A 114 -1.51 15.17 -12.16
CA ASN A 114 -1.10 13.89 -11.64
C ASN A 114 -1.15 13.95 -10.12
N PHE A 115 -1.59 12.86 -9.50
CA PHE A 115 -1.63 12.73 -8.04
C PHE A 115 -2.51 13.85 -7.49
N TYR A 116 -2.08 14.61 -6.48
CA TYR A 116 -2.85 15.73 -5.98
C TYR A 116 -2.64 17.01 -6.77
N ASN A 117 -1.79 16.98 -7.80
CA ASN A 117 -1.46 18.18 -8.56
C ASN A 117 -2.45 18.33 -9.71
N ASP A 118 -3.64 18.85 -9.37
CA ASP A 118 -4.69 19.10 -10.35
C ASP A 118 -5.03 20.58 -10.35
N ALA A 119 -5.07 21.18 -11.53
CA ALA A 119 -5.32 22.60 -11.67
C ALA A 119 -6.82 22.88 -11.75
N VAL A 120 -7.23 24.01 -11.19
CA VAL A 120 -8.61 24.48 -11.27
C VAL A 120 -8.61 25.89 -11.84
N ILE A 121 -9.59 26.19 -12.68
CA ILE A 121 -9.76 27.51 -13.26
C ILE A 121 -11.00 28.13 -12.64
N ASP A 122 -10.85 29.36 -12.14
CA ASP A 122 -12.00 30.06 -11.56
C ASP A 122 -13.04 30.35 -12.63
N PRO A 123 -14.32 30.16 -12.33
CA PRO A 123 -15.37 30.44 -13.33
C PRO A 123 -15.43 31.90 -13.76
N TYR A 124 -14.92 32.83 -12.95
CA TYR A 124 -14.95 34.23 -13.33
C TYR A 124 -13.97 34.51 -14.46
N MET A 125 -13.05 33.58 -14.73
CA MET A 125 -12.06 33.73 -15.78
C MET A 125 -12.50 33.05 -17.08
N LEU A 126 -13.72 32.50 -17.09
CA LEU A 126 -14.17 31.64 -18.18
C LEU A 126 -15.22 32.35 -19.01
N GLU A 127 -15.18 32.11 -20.32
CA GLU A 127 -16.23 32.58 -21.20
C GLU A 127 -17.30 31.51 -21.43
N ARG A 128 -16.88 30.26 -21.51
CA ARG A 128 -17.79 29.14 -21.71
C ARG A 128 -17.28 27.93 -20.95
N ALA A 129 -18.20 27.01 -20.69
CA ALA A 129 -17.85 25.70 -20.14
C ALA A 129 -18.73 24.68 -20.85
N GLU A 130 -18.14 23.92 -21.76
CA GLU A 130 -18.84 22.90 -22.51
C GLU A 130 -18.42 21.53 -22.01
N ILE A 131 -19.40 20.67 -21.73
CA ILE A 131 -19.14 19.34 -21.24
C ILE A 131 -19.56 18.32 -22.29
N MET A 132 -18.60 17.53 -22.77
CA MET A 132 -18.86 16.45 -23.70
C MET A 132 -19.12 15.18 -22.92
N ARG A 133 -20.21 14.49 -23.26
CA ARG A 133 -20.62 13.28 -22.55
C ARG A 133 -20.37 12.07 -23.43
N GLY A 134 -19.72 11.07 -22.85
CA GLY A 134 -19.33 9.89 -23.60
C GLY A 134 -17.90 9.99 -24.08
N PRO A 135 -17.40 8.94 -24.70
CA PRO A 135 -16.01 8.94 -25.17
C PRO A 135 -15.74 10.04 -26.19
N VAL A 136 -14.61 10.72 -26.03
CA VAL A 136 -14.16 11.73 -26.98
C VAL A 136 -12.69 11.50 -27.35
N SER A 137 -12.20 10.28 -27.16
CA SER A 137 -10.80 10.02 -27.45
C SER A 137 -10.48 10.17 -28.93
N VAL A 138 -11.49 10.19 -29.79
CA VAL A 138 -11.27 10.39 -31.22
C VAL A 138 -10.67 11.75 -31.51
N LEU A 139 -10.77 12.68 -30.57
CA LEU A 139 -10.29 14.03 -30.75
C LEU A 139 -9.26 14.47 -29.73
N TYR A 140 -9.38 14.04 -28.47
CA TYR A 140 -8.57 14.55 -27.38
C TYR A 140 -7.62 13.51 -26.81
N GLY A 141 -7.38 12.41 -27.52
CA GLY A 141 -6.46 11.42 -27.00
C GLY A 141 -7.05 10.66 -25.83
N LYS A 142 -6.18 10.22 -24.93
CA LYS A 142 -6.64 9.45 -23.78
C LYS A 142 -7.59 10.26 -22.93
N SER A 143 -8.71 9.65 -22.56
CA SER A 143 -9.75 10.35 -21.84
C SER A 143 -10.63 9.34 -21.12
N SER A 144 -11.36 9.81 -20.12
CA SER A 144 -12.28 8.96 -19.40
C SER A 144 -13.43 8.54 -20.32
N PRO A 145 -13.99 7.34 -20.13
CA PRO A 145 -15.18 6.98 -20.91
C PRO A 145 -16.37 7.87 -20.63
N GLY A 146 -16.45 8.43 -19.44
CA GLY A 146 -17.64 9.18 -19.06
C GLY A 146 -17.83 10.44 -19.87
N GLY A 147 -16.76 11.20 -20.07
CA GLY A 147 -16.89 12.44 -20.80
C GLY A 147 -15.76 13.40 -20.48
N LEU A 148 -15.99 14.66 -20.83
CA LEU A 148 -14.94 15.67 -20.87
C LEU A 148 -15.54 17.04 -20.61
N LEU A 149 -14.86 17.84 -19.82
CA LEU A 149 -15.23 19.23 -19.56
C LEU A 149 -14.23 20.13 -20.26
N ASN A 150 -14.73 20.99 -21.14
CA ASN A 150 -13.89 21.93 -21.87
C ASN A 150 -14.22 23.35 -21.42
N MET A 151 -13.21 24.05 -20.92
CA MET A 151 -13.34 25.42 -20.45
C MET A 151 -12.69 26.36 -21.44
N VAL A 152 -13.35 27.48 -21.71
CA VAL A 152 -12.86 28.46 -22.67
C VAL A 152 -12.52 29.73 -21.91
N SER A 153 -11.27 30.17 -22.01
CA SER A 153 -10.83 31.36 -21.31
C SER A 153 -11.47 32.61 -21.90
N LYS A 154 -11.65 33.61 -21.06
CA LYS A 154 -12.13 34.91 -21.53
C LYS A 154 -11.12 35.51 -22.50
N ARG A 155 -11.61 35.99 -23.62
CA ARG A 155 -10.79 36.62 -24.64
C ARG A 155 -11.01 38.13 -24.65
N PRO A 156 -10.04 38.90 -25.13
CA PRO A 156 -10.23 40.35 -25.22
C PRO A 156 -11.46 40.69 -26.05
N THR A 157 -12.18 41.71 -25.60
CA THR A 157 -13.44 42.09 -26.23
C THR A 157 -13.24 43.21 -27.23
N THR A 158 -14.07 43.20 -28.28
CA THR A 158 -14.03 44.26 -29.27
C THR A 158 -14.38 45.61 -28.65
N GLU A 159 -15.43 45.66 -27.84
CA GLU A 159 -15.80 46.87 -27.15
C GLU A 159 -15.08 46.98 -25.82
N PRO A 160 -14.89 48.19 -25.31
CA PRO A 160 -14.22 48.35 -24.01
C PRO A 160 -15.01 47.71 -22.89
N LEU A 161 -14.28 47.25 -21.87
CA LEU A 161 -14.90 46.62 -20.70
C LEU A 161 -14.15 47.06 -19.47
N LYS A 162 -14.88 47.62 -18.50
CA LYS A 162 -14.31 48.03 -17.22
C LYS A 162 -15.29 47.61 -16.13
N GLU A 163 -15.09 46.40 -15.61
CA GLU A 163 -16.01 45.83 -14.63
C GLU A 163 -15.25 45.50 -13.36
N VAL A 164 -15.83 45.91 -12.22
CA VAL A 164 -15.33 45.53 -10.90
C VAL A 164 -16.45 44.83 -10.16
N GLN A 165 -16.11 43.80 -9.40
CA GLN A 165 -17.08 42.99 -8.70
C GLN A 165 -16.69 42.87 -7.24
N PHE A 166 -17.69 42.88 -6.36
CA PHE A 166 -17.48 42.72 -4.94
C PHE A 166 -18.45 41.68 -4.40
N LYS A 167 -17.99 40.88 -3.44
CA LYS A 167 -18.82 39.87 -2.81
C LYS A 167 -18.66 39.93 -1.30
N ALA A 168 -19.77 39.76 -0.59
CA ALA A 168 -19.78 39.74 0.86
C ALA A 168 -20.80 38.68 1.28
N GLY A 169 -20.32 37.48 1.54
CA GLY A 169 -21.20 36.36 1.84
C GLY A 169 -21.12 35.89 3.27
N THR A 170 -21.80 34.79 3.53
CA THR A 170 -21.69 34.12 4.81
C THR A 170 -20.37 33.36 4.88
N ASP A 171 -20.04 32.87 6.08
CA ASP A 171 -18.77 32.22 6.34
C ASP A 171 -17.60 33.17 6.05
N SER A 172 -17.82 34.45 6.30
CA SER A 172 -16.79 35.48 6.13
C SER A 172 -16.21 35.48 4.72
N LEU A 173 -17.09 35.40 3.73
CA LEU A 173 -16.66 35.41 2.34
C LEU A 173 -16.47 36.84 1.87
N PHE A 174 -15.33 37.10 1.23
CA PHE A 174 -15.03 38.42 0.65
C PHE A 174 -14.30 38.18 -0.66
N GLN A 175 -14.90 38.60 -1.77
CA GLN A 175 -14.26 38.49 -3.08
C GLN A 175 -14.29 39.84 -3.76
N THR A 176 -13.11 40.33 -4.13
CA THR A 176 -12.96 41.51 -4.97
C THR A 176 -12.37 41.05 -6.29
N GLY A 177 -13.03 41.40 -7.40
CA GLY A 177 -12.55 41.01 -8.71
C GLY A 177 -12.74 42.14 -9.70
N PHE A 178 -11.95 42.10 -10.76
CA PHE A 178 -12.01 43.09 -11.82
C PHE A 178 -11.86 42.39 -13.16
N ASP A 179 -12.39 43.03 -14.20
CA ASP A 179 -12.34 42.47 -15.55
C ASP A 179 -12.24 43.65 -16.51
N PHE A 180 -11.01 43.98 -16.91
CA PHE A 180 -10.74 45.10 -17.79
C PHE A 180 -10.32 44.59 -19.15
N SER A 181 -10.94 45.13 -20.21
CA SER A 181 -10.56 44.84 -21.58
C SER A 181 -10.68 46.11 -22.40
N ASP A 182 -9.81 46.24 -23.40
CA ASP A 182 -9.79 47.42 -24.25
C ASP A 182 -8.97 47.10 -25.49
N SER A 183 -8.87 48.07 -26.38
CA SER A 183 -8.04 47.98 -27.57
C SER A 183 -6.86 48.93 -27.42
N LEU A 184 -5.65 48.39 -27.58
CA LEU A 184 -4.46 49.23 -27.47
C LEU A 184 -4.41 50.26 -28.58
N ASP A 185 -4.61 49.82 -29.82
CA ASP A 185 -4.62 50.73 -30.96
C ASP A 185 -6.02 51.31 -31.14
N ASP A 186 -6.20 52.11 -32.18
CA ASP A 186 -7.49 52.74 -32.44
C ASP A 186 -8.35 51.96 -33.42
N ASP A 187 -7.74 51.09 -34.24
CA ASP A 187 -8.51 50.28 -35.19
C ASP A 187 -8.99 48.98 -34.56
N GLY A 188 -8.18 48.34 -33.74
CA GLY A 188 -8.60 47.12 -33.06
C GLY A 188 -7.70 45.92 -33.29
N VAL A 189 -6.57 46.13 -33.98
CA VAL A 189 -5.68 45.00 -34.23
C VAL A 189 -5.03 44.52 -32.94
N TYR A 190 -4.74 45.42 -32.01
CA TYR A 190 -4.14 45.07 -30.73
C TYR A 190 -5.16 45.33 -29.63
N SER A 191 -5.50 44.28 -28.88
CA SER A 191 -6.42 44.38 -27.77
C SER A 191 -5.97 43.44 -26.66
N TYR A 192 -6.31 43.79 -25.43
CA TYR A 192 -5.90 43.04 -24.25
C TYR A 192 -7.11 42.77 -23.38
N ARG A 193 -6.88 42.02 -22.30
CA ARG A 193 -7.87 41.79 -21.28
C ARG A 193 -7.16 41.41 -20.00
N LEU A 194 -7.61 41.94 -18.89
CA LEU A 194 -7.01 41.67 -17.59
C LEU A 194 -8.12 41.32 -16.61
N THR A 195 -8.18 40.05 -16.23
CA THR A 195 -9.19 39.56 -15.32
C THR A 195 -8.50 39.08 -14.05
N GLY A 196 -8.97 39.56 -12.90
CA GLY A 196 -8.39 39.17 -11.63
C GLY A 196 -9.46 39.04 -10.57
N LEU A 197 -9.09 38.38 -9.48
CA LEU A 197 -9.99 38.24 -8.33
C LEU A 197 -9.19 37.81 -7.11
N ALA A 198 -9.55 38.35 -5.96
CA ALA A 198 -8.98 37.95 -4.68
C ALA A 198 -10.11 37.47 -3.79
N ARG A 199 -10.06 36.21 -3.39
CA ARG A 199 -11.16 35.57 -2.67
C ARG A 199 -10.66 35.01 -1.35
N SER A 200 -11.34 35.38 -0.26
CA SER A 200 -11.05 34.86 1.07
C SER A 200 -12.35 34.43 1.71
N ALA A 201 -12.37 33.23 2.30
CA ALA A 201 -13.57 32.74 2.95
C ALA A 201 -13.19 31.73 4.01
N ASN A 202 -14.11 31.49 4.92
CA ASN A 202 -13.98 30.42 5.90
C ASN A 202 -14.68 29.19 5.37
N ALA A 203 -14.01 28.05 5.41
CA ALA A 203 -14.63 26.82 4.96
C ALA A 203 -15.77 26.44 5.91
N GLN A 204 -16.67 25.61 5.38
CA GLN A 204 -17.76 25.11 6.21
C GLN A 204 -17.24 24.39 7.44
N GLN A 205 -16.23 23.54 7.25
CA GLN A 205 -15.62 22.84 8.37
C GLN A 205 -14.81 23.81 9.22
N LYS A 206 -15.00 23.73 10.53
CA LYS A 206 -14.39 24.70 11.44
C LYS A 206 -12.87 24.60 11.41
N GLY A 207 -12.22 25.76 11.42
CA GLY A 207 -10.77 25.81 11.42
C GLY A 207 -10.13 25.70 10.06
N SER A 208 -10.91 25.66 8.98
CA SER A 208 -10.39 25.65 7.63
C SER A 208 -10.78 26.94 6.93
N GLU A 209 -9.85 27.52 6.19
CA GLU A 209 -10.10 28.73 5.42
C GLU A 209 -9.65 28.51 3.98
N GLU A 210 -10.12 29.39 3.10
CA GLU A 210 -9.77 29.34 1.68
C GLU A 210 -9.36 30.72 1.23
N GLN A 211 -8.22 30.80 0.57
CA GLN A 211 -7.75 32.05 -0.04
C GLN A 211 -7.33 31.76 -1.46
N ARG A 212 -7.75 32.62 -2.38
CA ARG A 212 -7.37 32.46 -3.79
C ARG A 212 -7.08 33.81 -4.40
N TYR A 213 -5.96 33.89 -5.12
CA TYR A 213 -5.62 35.06 -5.92
C TYR A 213 -5.35 34.57 -7.33
N ALA A 214 -6.17 35.02 -8.28
CA ALA A 214 -6.02 34.60 -9.67
C ALA A 214 -6.04 35.82 -10.57
N ILE A 215 -5.19 35.79 -11.59
CA ILE A 215 -5.14 36.84 -12.60
C ILE A 215 -4.95 36.17 -13.95
N ALA A 216 -5.62 36.70 -14.97
CA ALA A 216 -5.62 36.12 -16.30
C ALA A 216 -5.32 37.20 -17.34
N PRO A 217 -4.05 37.49 -17.59
CA PRO A 217 -3.70 38.42 -18.66
C PRO A 217 -3.90 37.77 -20.02
N ALA A 218 -4.59 38.46 -20.91
CA ALA A 218 -4.84 37.99 -22.26
C ALA A 218 -4.49 39.10 -23.26
N PHE A 219 -4.12 38.71 -24.47
CA PHE A 219 -3.68 39.66 -25.47
C PHE A 219 -3.99 39.11 -26.85
N THR A 220 -4.77 39.85 -27.64
CA THR A 220 -5.17 39.42 -28.97
C THR A 220 -4.52 40.31 -30.02
N TRP A 221 -3.83 39.70 -30.97
CA TRP A 221 -3.35 40.38 -32.17
C TRP A 221 -4.19 39.90 -33.34
N ARG A 222 -4.90 40.83 -33.97
CA ARG A 222 -5.85 40.51 -35.04
C ARG A 222 -5.55 41.45 -36.20
N PRO A 223 -4.58 41.10 -37.05
CA PRO A 223 -4.25 41.99 -38.17
C PRO A 223 -5.41 42.20 -39.12
N ASP A 224 -6.24 41.19 -39.34
CA ASP A 224 -7.42 41.30 -40.16
C ASP A 224 -8.42 40.24 -39.70
N ASP A 225 -9.48 40.06 -40.49
CA ASP A 225 -10.55 39.17 -40.08
C ASP A 225 -10.17 37.70 -40.25
N LYS A 226 -9.25 37.41 -41.18
CA LYS A 226 -8.84 36.02 -41.38
C LYS A 226 -7.97 35.53 -40.25
N THR A 227 -6.98 36.32 -39.84
CA THR A 227 -5.99 35.91 -38.86
C THR A 227 -6.41 36.32 -37.46
N ASN A 228 -5.92 35.57 -36.47
CA ASN A 228 -6.22 35.88 -35.07
C ASN A 228 -5.21 35.16 -34.18
N PHE A 229 -4.49 35.91 -33.36
CA PHE A 229 -3.55 35.35 -32.39
C PHE A 229 -3.89 35.91 -31.02
N THR A 230 -4.26 35.03 -30.10
CA THR A 230 -4.59 35.42 -28.73
C THR A 230 -3.60 34.76 -27.79
N PHE A 231 -2.93 35.56 -26.97
CA PHE A 231 -2.05 35.05 -25.93
C PHE A 231 -2.86 34.88 -24.66
N LEU A 232 -2.93 33.66 -24.14
CA LEU A 232 -3.70 33.34 -22.95
C LEU A 232 -2.77 32.96 -21.82
N SER A 233 -2.90 33.64 -20.68
CA SER A 233 -2.15 33.30 -19.48
C SER A 233 -3.10 33.27 -18.30
N TYR A 234 -2.73 32.52 -17.27
CA TYR A 234 -3.56 32.40 -16.07
C TYR A 234 -2.65 32.02 -14.92
N PHE A 235 -2.57 32.89 -13.91
CA PHE A 235 -1.75 32.65 -12.74
C PHE A 235 -2.65 32.68 -11.51
N GLN A 236 -2.56 31.63 -10.70
CA GLN A 236 -3.41 31.47 -9.54
C GLN A 236 -2.56 31.10 -8.33
N ASN A 237 -2.87 31.70 -7.19
CA ASN A 237 -2.21 31.39 -5.94
C ASN A 237 -3.26 31.05 -4.90
N GLU A 238 -3.13 29.89 -4.27
CA GLU A 238 -4.06 29.42 -3.25
C GLU A 238 -3.26 29.08 -2.00
N PRO A 239 -3.02 30.05 -1.13
CA PRO A 239 -2.35 29.74 0.14
C PRO A 239 -3.11 28.71 0.96
N GLU A 240 -4.43 28.70 0.89
CA GLU A 240 -5.25 27.68 1.54
C GLU A 240 -6.39 27.31 0.60
N THR A 241 -6.52 26.02 0.30
CA THR A 241 -7.56 25.53 -0.59
C THR A 241 -8.79 25.01 0.15
N GLY A 242 -8.75 24.93 1.47
CA GLY A 242 -9.90 24.53 2.25
C GLY A 242 -9.88 23.08 2.68
N TYR A 243 -11.07 22.59 3.04
CA TYR A 243 -11.23 21.25 3.58
C TYR A 243 -11.24 20.20 2.48
N TYR A 244 -10.57 19.08 2.73
CA TYR A 244 -10.56 17.96 1.80
C TYR A 244 -10.58 16.62 2.53
N GLY A 245 -11.17 16.56 3.72
CA GLY A 245 -11.10 15.38 4.55
C GLY A 245 -12.22 14.38 4.30
N TRP A 246 -12.10 13.25 4.98
CA TRP A 246 -13.09 12.17 4.93
C TRP A 246 -13.80 12.06 6.27
N LEU A 247 -15.07 11.74 6.24
CA LEU A 247 -15.80 11.51 7.48
C LEU A 247 -16.44 10.13 7.46
N PRO A 248 -16.58 9.50 8.62
CA PRO A 248 -17.17 8.15 8.65
C PRO A 248 -18.65 8.19 8.34
N LYS A 249 -19.15 7.07 7.82
CA LYS A 249 -20.60 6.95 7.64
C LYS A 249 -21.33 6.84 8.97
N GLU A 250 -20.63 6.44 10.03
CA GLU A 250 -21.18 6.42 11.38
C GLU A 250 -21.06 7.82 11.96
N GLY A 251 -22.14 8.59 11.88
CA GLY A 251 -22.12 9.95 12.37
C GLY A 251 -22.62 10.94 11.34
N THR A 252 -22.57 10.55 10.07
CA THR A 252 -23.07 11.41 8.99
C THR A 252 -24.28 10.79 8.29
N VAL A 253 -24.13 9.60 7.73
CA VAL A 253 -25.26 8.93 7.09
C VAL A 253 -26.14 8.26 8.12
N GLU A 254 -25.53 7.53 9.04
CA GLU A 254 -26.19 6.83 10.12
C GLU A 254 -25.85 7.49 11.45
N PRO A 255 -26.72 7.39 12.45
CA PRO A 255 -26.45 8.04 13.73
C PRO A 255 -25.27 7.40 14.44
N LEU A 256 -24.63 8.20 15.29
CA LEU A 256 -23.64 7.68 16.21
C LEU A 256 -24.35 6.81 17.25
N PRO A 257 -23.61 5.96 17.97
CA PRO A 257 -24.26 5.07 18.94
C PRO A 257 -25.15 5.77 19.95
N ASN A 258 -24.81 6.98 20.40
CA ASN A 258 -25.68 7.70 21.31
C ASN A 258 -26.92 8.26 20.62
N GLY A 259 -27.01 8.16 19.30
CA GLY A 259 -28.16 8.62 18.55
C GLY A 259 -27.99 9.97 17.89
N LYS A 260 -26.81 10.57 17.98
CA LYS A 260 -26.56 11.88 17.40
C LYS A 260 -25.78 11.75 16.10
N ARG A 261 -25.62 12.88 15.43
CA ARG A 261 -24.88 12.96 14.18
C ARG A 261 -23.85 14.07 14.27
N LEU A 262 -22.74 13.89 13.56
CA LEU A 262 -21.69 14.90 13.55
C LEU A 262 -22.23 16.19 12.94
N PRO A 263 -21.86 17.34 13.48
CA PRO A 263 -22.30 18.61 12.87
C PRO A 263 -21.74 18.77 11.47
N THR A 264 -22.48 19.47 10.62
CA THR A 264 -22.06 19.65 9.24
C THR A 264 -20.75 20.43 9.13
N ASP A 265 -20.37 21.15 10.18
CA ASP A 265 -19.10 21.87 10.21
C ASP A 265 -18.00 21.09 10.92
N PHE A 266 -18.17 19.78 11.07
CA PHE A 266 -17.17 18.97 11.74
C PHE A 266 -15.89 18.91 10.91
N ASN A 267 -14.76 19.14 11.56
CA ASN A 267 -13.44 19.07 10.94
C ASN A 267 -12.62 18.06 11.71
N GLU A 268 -12.35 16.92 11.11
CA GLU A 268 -11.58 15.87 11.76
C GLU A 268 -10.08 16.08 11.63
N GLY A 269 -9.64 17.09 10.88
CA GLY A 269 -8.24 17.31 10.67
C GLY A 269 -7.55 17.95 11.86
N ALA A 270 -6.24 18.12 11.73
CA ALA A 270 -5.44 18.77 12.75
C ALA A 270 -5.64 20.28 12.69
N LYS A 271 -5.19 20.97 13.74
CA LYS A 271 -5.28 22.42 13.75
C LYS A 271 -4.35 23.03 12.71
N ASN A 272 -3.19 22.42 12.48
CA ASN A 272 -2.21 22.92 11.52
C ASN A 272 -2.32 22.22 10.17
N ASN A 273 -3.52 21.77 9.80
CA ASN A 273 -3.74 21.24 8.47
C ASN A 273 -3.59 22.35 7.44
N THR A 274 -2.77 22.10 6.42
CA THR A 274 -2.50 23.09 5.38
C THR A 274 -2.63 22.42 4.02
N TYR A 275 -3.02 23.22 3.02
CA TYR A 275 -3.22 22.72 1.67
C TYR A 275 -3.03 23.90 0.72
N SER A 276 -1.98 23.87 -0.09
CA SER A 276 -1.65 24.98 -0.98
C SER A 276 -1.63 24.53 -2.43
N ARG A 277 -1.82 25.49 -3.32
CA ARG A 277 -1.74 25.25 -4.74
C ARG A 277 -1.24 26.52 -5.41
N ASN A 278 -0.44 26.34 -6.46
CA ASN A 278 0.06 27.45 -7.26
C ASN A 278 -0.01 27.04 -8.72
N GLU A 279 -0.59 27.88 -9.55
CA GLU A 279 -0.78 27.58 -10.95
C GLU A 279 -0.23 28.71 -11.81
N LYS A 280 0.58 28.36 -12.80
CA LYS A 280 1.15 29.33 -13.73
C LYS A 280 1.12 28.71 -15.11
N MET A 281 0.21 29.16 -15.96
CA MET A 281 0.09 28.65 -17.31
C MET A 281 0.14 29.79 -18.32
N VAL A 282 0.89 29.58 -19.40
CA VAL A 282 0.99 30.52 -20.50
C VAL A 282 0.78 29.77 -21.79
N GLY A 283 0.12 30.40 -22.74
CA GLY A 283 -0.10 29.76 -24.02
C GLY A 283 -0.70 30.73 -25.00
N TYR A 284 -1.14 30.19 -26.13
CA TYR A 284 -1.76 31.03 -27.15
C TYR A 284 -2.80 30.21 -27.90
N SER A 285 -3.70 30.93 -28.56
CA SER A 285 -4.69 30.33 -29.44
C SER A 285 -4.64 31.07 -30.77
N PHE A 286 -4.18 30.38 -31.81
CA PHE A 286 -3.96 31.00 -33.11
C PHE A 286 -4.81 30.31 -34.16
N ASP A 287 -5.58 31.09 -34.91
CA ASP A 287 -6.31 30.59 -36.07
C ASP A 287 -6.04 31.52 -37.23
N HIS A 288 -6.06 30.98 -38.44
CA HIS A 288 -5.81 31.76 -39.64
C HIS A 288 -6.48 31.07 -40.82
N GLU A 289 -7.21 31.84 -41.61
CA GLU A 289 -7.92 31.32 -42.77
C GLU A 289 -7.17 31.75 -44.03
N PHE A 290 -6.54 30.79 -44.71
CA PHE A 290 -5.85 31.10 -45.95
C PHE A 290 -6.82 31.45 -47.06
N ASN A 291 -7.85 30.63 -47.24
CA ASN A 291 -8.92 30.90 -48.19
C ASN A 291 -10.17 30.21 -47.67
N ASP A 292 -11.21 30.18 -48.51
CA ASP A 292 -12.45 29.52 -48.12
C ASP A 292 -12.31 28.02 -48.03
N THR A 293 -11.18 27.47 -48.48
CA THR A 293 -10.97 26.02 -48.43
C THR A 293 -10.13 25.60 -47.23
N PHE A 294 -9.01 26.28 -46.97
CA PHE A 294 -8.06 25.86 -45.96
C PHE A 294 -8.06 26.81 -44.78
N THR A 295 -8.22 26.27 -43.58
CA THR A 295 -8.13 27.02 -42.34
C THR A 295 -7.25 26.25 -41.38
N VAL A 296 -6.36 26.97 -40.69
CA VAL A 296 -5.43 26.35 -39.75
C VAL A 296 -5.73 26.90 -38.36
N ARG A 297 -5.57 26.04 -37.36
CA ARG A 297 -5.70 26.42 -35.97
C ARG A 297 -4.61 25.72 -35.16
N GLN A 298 -4.07 26.42 -34.17
CA GLN A 298 -3.06 25.85 -33.28
C GLN A 298 -3.30 26.36 -31.87
N ASN A 299 -3.38 25.44 -30.92
CA ASN A 299 -3.53 25.76 -29.51
C ASN A 299 -2.31 25.25 -28.77
N LEU A 300 -1.70 26.12 -27.97
CA LEU A 300 -0.50 25.77 -27.22
C LEU A 300 -0.66 26.29 -25.79
N ARG A 301 -0.06 25.57 -24.85
CA ARG A 301 -0.06 26.00 -23.46
C ARG A 301 1.05 25.29 -22.72
N PHE A 302 1.79 26.04 -21.91
CA PHE A 302 2.72 25.47 -20.95
C PHE A 302 2.26 25.84 -19.55
N ALA A 303 2.16 24.85 -18.67
CA ALA A 303 1.69 25.09 -17.31
C ALA A 303 2.68 24.54 -16.31
N GLU A 304 2.83 25.23 -15.19
CA GLU A 304 3.68 24.80 -14.09
C GLU A 304 2.86 24.90 -12.81
N ASN A 305 2.42 23.77 -12.28
CA ASN A 305 1.58 23.72 -11.10
C ASN A 305 2.34 23.08 -9.94
N LYS A 306 2.18 23.67 -8.76
CA LYS A 306 2.78 23.16 -7.53
C LYS A 306 1.70 23.01 -6.47
N THR A 307 1.79 21.93 -5.70
CA THR A 307 0.85 21.64 -4.64
C THR A 307 1.61 21.22 -3.39
N SER A 308 1.24 21.79 -2.25
CA SER A 308 1.80 21.44 -0.96
C SER A 308 0.66 21.10 -0.02
N GLN A 309 0.94 20.24 0.96
CA GLN A 309 -0.13 19.76 1.82
C GLN A 309 0.37 19.07 3.08
N ASN A 310 -0.19 19.42 4.23
CA ASN A 310 -0.03 18.70 5.50
C ASN A 310 -1.44 18.43 5.98
N SER A 311 -1.97 17.25 5.68
CA SER A 311 -3.36 16.94 5.97
C SER A 311 -3.46 15.75 6.91
N VAL A 312 -4.24 15.89 7.97
CA VAL A 312 -4.70 14.78 8.78
C VAL A 312 -6.16 14.54 8.42
N TYR A 313 -6.48 13.31 8.05
CA TYR A 313 -7.81 12.99 7.55
C TYR A 313 -8.34 11.75 8.26
N GLY A 314 -9.67 11.69 8.36
CA GLY A 314 -10.30 10.57 9.02
C GLY A 314 -10.29 9.32 8.15
N TYR A 315 -10.35 8.17 8.83
CA TYR A 315 -10.36 6.88 8.14
C TYR A 315 -11.37 5.95 8.79
N GLY A 316 -12.58 6.46 9.03
CA GLY A 316 -13.65 5.67 9.58
C GLY A 316 -13.49 5.44 11.08
N VAL A 317 -14.58 4.99 11.69
CA VAL A 317 -14.60 4.78 13.14
C VAL A 317 -13.77 3.54 13.48
N CYS A 318 -13.49 3.35 14.77
CA CYS A 318 -12.68 2.22 15.19
C CYS A 318 -13.38 0.88 14.97
N SER A 319 -14.70 0.87 14.85
CA SER A 319 -15.45 -0.34 14.56
C SER A 319 -15.53 -0.64 13.07
N ASP A 320 -14.95 0.20 12.22
CA ASP A 320 -14.90 -0.08 10.79
C ASP A 320 -14.04 -1.31 10.54
N PRO A 321 -14.40 -2.14 9.56
CA PRO A 321 -13.56 -3.31 9.25
C PRO A 321 -12.14 -2.95 8.84
N ALA A 322 -11.94 -1.77 8.23
CA ALA A 322 -10.60 -1.40 7.79
C ALA A 322 -9.64 -1.23 8.96
N ASN A 323 -10.15 -0.89 10.14
CA ASN A 323 -9.36 -0.70 11.35
C ASN A 323 -9.52 -1.88 12.30
N ALA A 324 -9.56 -3.09 11.74
CA ALA A 324 -9.95 -4.26 12.53
C ALA A 324 -8.96 -4.53 13.66
N TYR A 325 -7.66 -4.39 13.40
CA TYR A 325 -6.64 -4.83 14.34
C TYR A 325 -5.70 -3.70 14.74
N SER A 326 -6.12 -2.45 14.60
CA SER A 326 -5.27 -1.34 14.99
C SER A 326 -5.10 -1.30 16.51
N LYS A 327 -3.89 -0.99 16.95
CA LYS A 327 -3.57 -1.00 18.38
C LYS A 327 -4.39 0.04 19.13
N GLN A 328 -4.50 1.24 18.58
CA GLN A 328 -5.22 2.30 19.27
C GLN A 328 -6.70 1.97 19.41
N CYS A 329 -7.30 1.39 18.37
CA CYS A 329 -8.69 0.95 18.46
C CYS A 329 -8.82 -0.28 19.34
N ALA A 330 -7.77 -1.11 19.40
CA ALA A 330 -7.83 -2.32 20.22
C ALA A 330 -7.90 -2.02 21.71
N ALA A 331 -7.22 -0.96 22.15
CA ALA A 331 -7.23 -0.60 23.57
C ALA A 331 -8.55 -0.01 24.04
N LEU A 332 -9.42 0.39 23.13
CA LEU A 332 -10.73 0.91 23.51
C LEU A 332 -11.65 -0.21 23.95
N ALA A 333 -12.62 0.15 24.78
CA ALA A 333 -13.66 -0.79 25.13
C ALA A 333 -14.53 -1.08 23.89
N PRO A 334 -15.06 -2.30 23.78
CA PRO A 334 -15.83 -2.63 22.57
C PRO A 334 -17.03 -1.72 22.33
N ALA A 335 -17.60 -1.15 23.40
CA ALA A 335 -18.66 -0.16 23.21
C ALA A 335 -18.12 1.15 22.65
N ASP A 336 -16.94 1.58 23.12
CA ASP A 336 -16.39 2.86 22.72
C ASP A 336 -15.91 2.86 21.27
N LYS A 337 -15.75 1.70 20.66
CA LYS A 337 -15.14 1.64 19.33
C LYS A 337 -16.00 2.27 18.25
N GLY A 338 -17.28 2.51 18.52
CA GLY A 338 -18.16 3.06 17.50
C GLY A 338 -18.10 4.56 17.35
N HIS A 339 -17.59 5.28 18.36
CA HIS A 339 -17.56 6.73 18.33
C HIS A 339 -16.14 7.27 18.49
N TYR A 340 -15.15 6.54 18.01
CA TYR A 340 -13.78 7.01 17.92
C TYR A 340 -13.35 6.95 16.46
N LEU A 341 -12.84 8.06 15.95
CA LEU A 341 -12.48 8.18 14.55
C LEU A 341 -10.98 7.92 14.39
N ALA A 342 -10.64 6.83 13.71
CA ALA A 342 -9.26 6.60 13.33
C ALA A 342 -8.85 7.61 12.27
N ARG A 343 -7.58 8.00 12.29
CA ARG A 343 -7.09 9.04 11.41
C ARG A 343 -5.71 8.67 10.87
N LYS A 344 -5.41 9.21 9.70
CA LYS A 344 -4.08 9.09 9.10
C LYS A 344 -3.60 10.47 8.70
N TYR A 345 -2.48 10.55 7.98
CA TYR A 345 -2.02 11.85 7.50
C TYR A 345 -1.28 11.66 6.19
N VAL A 346 -1.16 12.77 5.45
CA VAL A 346 -0.37 12.83 4.24
C VAL A 346 0.40 14.15 4.24
N VAL A 347 1.70 14.08 3.95
CA VAL A 347 2.53 15.26 3.77
C VAL A 347 3.04 15.23 2.34
N ASP A 348 2.69 16.23 1.56
CA ASP A 348 2.89 16.19 0.11
C ASP A 348 3.47 17.49 -0.39
N ASP A 349 4.36 17.38 -1.38
CA ASP A 349 4.91 18.54 -2.06
C ASP A 349 5.17 18.12 -3.51
N GLU A 350 4.43 18.69 -4.45
CA GLU A 350 4.49 18.29 -5.84
C GLU A 350 4.81 19.47 -6.74
N LYS A 351 5.48 19.17 -7.85
CA LYS A 351 5.81 20.17 -8.87
C LYS A 351 5.53 19.54 -10.22
N LEU A 352 4.56 20.09 -10.94
CA LEU A 352 4.12 19.53 -12.21
C LEU A 352 4.49 20.49 -13.34
N GLN A 353 4.95 19.92 -14.45
CA GLN A 353 5.22 20.68 -15.67
C GLN A 353 4.40 20.04 -16.77
N ASN A 354 3.55 20.83 -17.41
CA ASN A 354 2.67 20.34 -18.46
C ASN A 354 2.82 21.20 -19.69
N PHE A 355 3.00 20.57 -20.84
CA PHE A 355 3.07 21.26 -22.13
C PHE A 355 2.21 20.52 -23.14
N SER A 356 1.37 21.26 -23.85
CA SER A 356 0.51 20.68 -24.87
C SER A 356 0.38 21.65 -26.04
N VAL A 357 0.48 21.12 -27.25
CA VAL A 357 0.24 21.88 -28.46
C VAL A 357 -0.63 21.04 -29.38
N ASP A 358 -1.63 21.67 -29.99
CA ASP A 358 -2.57 20.99 -30.86
C ASP A 358 -2.73 21.82 -32.13
N THR A 359 -2.38 21.23 -33.27
CA THR A 359 -2.45 21.89 -34.56
C THR A 359 -3.50 21.20 -35.43
N GLN A 360 -4.39 21.98 -36.03
CA GLN A 360 -5.47 21.45 -36.85
C GLN A 360 -5.50 22.15 -38.20
N LEU A 361 -5.66 21.38 -39.26
CA LEU A 361 -5.91 21.90 -40.59
C LEU A 361 -7.33 21.54 -41.00
N GLN A 362 -8.16 22.55 -41.22
CA GLN A 362 -9.55 22.34 -41.62
C GLN A 362 -9.68 22.56 -43.12
N SER A 363 -10.20 21.57 -43.83
CA SER A 363 -10.40 21.64 -45.28
C SER A 363 -11.87 21.55 -45.60
N LYS A 364 -12.37 22.48 -46.39
CA LYS A 364 -13.75 22.49 -46.84
C LYS A 364 -13.78 22.31 -48.36
N PHE A 365 -14.49 21.28 -48.81
CA PHE A 365 -14.60 21.01 -50.24
C PHE A 365 -15.87 20.24 -50.48
N ALA A 366 -16.29 20.20 -51.74
CA ALA A 366 -17.50 19.50 -52.15
C ALA A 366 -17.14 18.35 -53.07
N THR A 367 -17.72 17.19 -52.80
CA THR A 367 -17.60 16.01 -53.67
C THR A 367 -18.99 15.77 -54.26
N GLY A 368 -19.26 16.40 -55.40
CA GLY A 368 -20.57 16.30 -56.01
C GLY A 368 -21.61 17.07 -55.24
N ASP A 369 -22.60 16.37 -54.69
CA ASP A 369 -23.65 16.97 -53.89
C ASP A 369 -23.40 16.83 -52.39
N ILE A 370 -22.23 16.37 -52.00
CA ILE A 370 -21.88 16.17 -50.59
C ILE A 370 -20.86 17.23 -50.19
N ASP A 371 -21.17 17.97 -49.12
CA ASP A 371 -20.27 18.98 -48.59
C ASP A 371 -19.36 18.33 -47.55
N HIS A 372 -18.07 18.46 -47.73
CA HIS A 372 -17.08 17.86 -46.83
C HIS A 372 -16.40 18.94 -46.01
N THR A 373 -16.26 18.69 -44.71
CA THR A 373 -15.46 19.53 -43.82
C THR A 373 -14.45 18.59 -43.17
N LEU A 374 -13.29 18.47 -43.79
CA LEU A 374 -12.26 17.53 -43.36
C LEU A 374 -11.31 18.22 -42.40
N LEU A 375 -11.17 17.66 -41.20
CA LEU A 375 -10.28 18.16 -40.17
C LEU A 375 -9.15 17.18 -39.97
N THR A 376 -7.91 17.65 -40.13
CA THR A 376 -6.72 16.84 -39.92
C THR A 376 -5.85 17.55 -38.89
N GLY A 377 -5.53 16.84 -37.80
CA GLY A 377 -4.84 17.45 -36.69
C GLY A 377 -3.70 16.60 -36.20
N VAL A 378 -2.74 17.28 -35.56
CA VAL A 378 -1.66 16.64 -34.82
C VAL A 378 -1.65 17.25 -33.44
N ASP A 379 -1.68 16.39 -32.42
CA ASP A 379 -1.74 16.83 -31.03
C ASP A 379 -0.56 16.22 -30.28
N PHE A 380 0.14 17.04 -29.50
CA PHE A 380 1.23 16.56 -28.67
C PHE A 380 1.04 17.05 -27.25
N MET A 381 1.33 16.18 -26.30
CA MET A 381 1.22 16.44 -24.88
C MET A 381 2.42 15.83 -24.16
N ARG A 382 2.95 16.55 -23.18
CA ARG A 382 3.95 15.98 -22.30
C ARG A 382 3.73 16.50 -20.89
N MET A 383 3.84 15.61 -19.91
CA MET A 383 3.62 15.95 -18.53
C MET A 383 4.75 15.38 -17.69
N ARG A 384 5.16 16.13 -16.67
CA ARG A 384 6.11 15.66 -15.69
C ARG A 384 5.62 16.09 -14.32
N ASN A 385 5.68 15.18 -13.36
CA ASN A 385 5.22 15.47 -12.00
C ASN A 385 6.18 14.83 -11.02
N ASP A 386 6.89 15.66 -10.25
CA ASP A 386 7.81 15.19 -9.22
C ASP A 386 7.08 15.25 -7.88
N ILE A 387 6.80 14.08 -7.31
CA ILE A 387 6.06 13.98 -6.06
C ILE A 387 7.05 13.70 -4.93
N ASN A 388 6.95 14.46 -3.86
CA ASN A 388 7.73 14.24 -2.65
C ASN A 388 6.75 14.13 -1.48
N ALA A 389 6.23 12.94 -1.26
CA ALA A 389 5.15 12.73 -0.31
C ALA A 389 5.59 11.83 0.83
N TRP A 390 4.89 11.93 1.95
CA TRP A 390 5.05 11.04 3.08
C TRP A 390 3.67 10.68 3.59
N PHE A 391 3.36 9.39 3.62
CA PHE A 391 2.02 8.92 3.93
C PHE A 391 1.99 8.27 5.31
N GLY A 392 1.03 8.69 6.14
CA GLY A 392 0.80 8.05 7.41
C GLY A 392 -0.09 6.83 7.20
N TYR A 393 0.35 5.70 7.72
CA TYR A 393 -0.43 4.46 7.65
C TYR A 393 -1.25 4.29 8.91
N ASP A 394 -1.74 3.07 9.14
CA ASP A 394 -2.58 2.80 10.31
C ASP A 394 -1.87 3.16 11.60
N ASP A 395 -2.60 3.81 12.50
CA ASP A 395 -2.12 4.20 13.83
C ASP A 395 -1.01 5.25 13.74
N SER A 396 -1.05 6.07 12.70
CA SER A 396 -0.12 7.16 12.56
C SER A 396 -0.61 8.46 13.20
N VAL A 397 -1.89 8.55 13.51
CA VAL A 397 -2.50 9.74 14.10
C VAL A 397 -3.31 9.29 15.31
N PRO A 398 -3.31 10.05 16.41
CA PRO A 398 -4.13 9.67 17.56
C PRO A 398 -5.62 9.64 17.21
N LEU A 399 -6.34 8.77 17.90
CA LEU A 399 -7.78 8.66 17.71
C LEU A 399 -8.48 9.95 18.13
N LEU A 400 -9.57 10.25 17.44
CA LEU A 400 -10.39 11.41 17.73
C LEU A 400 -11.73 10.94 18.29
N ASN A 401 -12.09 11.42 19.47
CA ASN A 401 -13.38 11.10 20.06
C ASN A 401 -14.46 11.92 19.37
N LEU A 402 -15.48 11.25 18.85
CA LEU A 402 -16.57 11.94 18.17
C LEU A 402 -17.65 12.40 19.13
N TYR A 403 -17.61 11.99 20.39
CA TYR A 403 -18.53 12.47 21.41
C TYR A 403 -18.04 13.74 22.09
N ASN A 404 -16.87 14.23 21.73
CA ASN A 404 -16.33 15.41 22.35
C ASN A 404 -17.18 16.64 21.99
N PRO A 405 -17.30 17.61 22.91
CA PRO A 405 -18.05 18.84 22.65
C PRO A 405 -17.38 19.72 21.60
N ASN A 416 -9.78 20.67 17.81
CA ASN A 416 -8.64 19.83 17.49
C ASN A 416 -7.32 20.51 17.87
N THR A 417 -6.31 19.70 18.15
CA THR A 417 -5.00 20.17 18.55
C THR A 417 -4.02 20.00 17.39
N ASP A 418 -2.78 20.41 17.62
CA ASP A 418 -1.74 20.36 16.60
C ASP A 418 -1.33 18.92 16.33
N PHE A 419 -0.68 18.72 15.18
CA PHE A 419 -0.07 17.44 14.85
C PHE A 419 1.36 17.67 14.38
N ASP A 420 2.26 16.79 14.82
CA ASP A 420 3.66 16.87 14.41
C ASP A 420 3.80 16.15 13.08
N PHE A 421 3.78 16.91 11.99
CA PHE A 421 3.90 16.33 10.65
C PHE A 421 5.32 15.92 10.30
N ASN A 422 6.31 16.33 11.09
CA ASN A 422 7.70 16.02 10.80
C ASN A 422 8.22 14.78 11.52
N ALA A 423 7.52 14.31 12.56
CA ALA A 423 7.90 13.07 13.24
C ALA A 423 7.42 11.90 12.38
N LYS A 424 8.24 11.55 11.40
CA LYS A 424 7.88 10.57 10.38
C LYS A 424 8.37 9.20 10.82
N ASP A 425 7.55 8.52 11.60
CA ASP A 425 7.90 7.21 12.14
C ASP A 425 7.81 6.16 11.04
N PRO A 426 8.90 5.41 10.77
CA PRO A 426 8.82 4.36 9.75
C PRO A 426 7.94 3.17 10.14
N ALA A 427 7.58 3.03 11.42
CA ALA A 427 6.74 1.92 11.81
C ALA A 427 5.33 2.04 11.23
N ASN A 428 4.79 3.27 11.17
CA ASN A 428 3.42 3.47 10.75
C ASN A 428 3.31 4.50 9.63
N SER A 429 4.41 4.77 8.91
CA SER A 429 4.38 5.74 7.83
C SER A 429 5.52 5.43 6.88
N GLY A 430 5.45 6.01 5.69
CA GLY A 430 6.43 5.75 4.67
C GLY A 430 6.49 6.79 3.57
N PRO A 431 7.61 6.85 2.87
CA PRO A 431 7.77 7.85 1.81
C PRO A 431 7.09 7.43 0.52
N TYR A 432 6.78 8.44 -0.29
CA TYR A 432 6.25 8.24 -1.64
C TYR A 432 6.89 9.31 -2.51
N ARG A 433 8.04 8.99 -3.09
CA ARG A 433 8.81 9.92 -3.92
C ARG A 433 8.84 9.35 -5.32
N ILE A 434 8.03 9.93 -6.21
CA ILE A 434 7.82 9.39 -7.54
C ILE A 434 7.97 10.51 -8.55
N LEU A 435 8.68 10.23 -9.63
CA LEU A 435 8.75 11.12 -10.79
C LEU A 435 7.93 10.49 -11.90
N ASN A 436 6.79 11.09 -12.22
CA ASN A 436 5.89 10.59 -13.24
C ASN A 436 6.08 11.38 -14.52
N LYS A 437 6.31 10.67 -15.62
CA LYS A 437 6.45 11.28 -16.93
C LYS A 437 5.38 10.71 -17.84
N GLN A 438 4.69 11.58 -18.57
CA GLN A 438 3.71 11.16 -19.55
C GLN A 438 3.92 11.91 -20.85
N LYS A 439 3.63 11.23 -21.95
CA LYS A 439 3.79 11.80 -23.27
C LYS A 439 2.72 11.21 -24.16
N GLN A 440 2.05 12.06 -24.95
CA GLN A 440 1.04 11.58 -25.88
C GLN A 440 1.16 12.37 -27.17
N THR A 441 1.31 11.66 -28.28
CA THR A 441 1.26 12.25 -29.61
C THR A 441 0.08 11.64 -30.35
N GLY A 442 -0.74 12.47 -30.96
CA GLY A 442 -1.90 11.97 -31.67
C GLY A 442 -2.11 12.61 -33.02
N VAL A 443 -2.44 11.80 -34.01
CA VAL A 443 -2.82 12.26 -35.32
C VAL A 443 -4.26 11.83 -35.55
N TYR A 444 -5.12 12.78 -35.88
CA TYR A 444 -6.53 12.48 -36.05
C TYR A 444 -7.03 13.07 -37.36
N VAL A 445 -8.00 12.38 -37.95
CA VAL A 445 -8.68 12.83 -39.16
C VAL A 445 -10.17 12.71 -38.91
N GLN A 446 -10.89 13.80 -39.10
CA GLN A 446 -12.33 13.82 -38.91
C GLN A 446 -12.99 14.36 -40.17
N ASP A 447 -14.11 13.76 -40.55
CA ASP A 447 -14.84 14.17 -41.75
C ASP A 447 -16.30 14.39 -41.40
N GLN A 448 -16.79 15.60 -41.61
CA GLN A 448 -18.19 15.93 -41.45
C GLN A 448 -18.76 16.13 -42.85
N ALA A 449 -19.19 15.02 -43.46
CA ALA A 449 -19.78 15.06 -44.79
C ALA A 449 -21.28 15.28 -44.66
N GLN A 450 -21.79 16.31 -45.34
CA GLN A 450 -23.20 16.65 -45.28
C GLN A 450 -23.84 16.45 -46.64
N TRP A 451 -24.91 15.68 -46.66
CA TRP A 451 -25.69 15.42 -47.88
C TRP A 451 -27.12 15.83 -47.60
N ASP A 452 -27.54 16.96 -48.17
CA ASP A 452 -28.87 17.50 -47.96
C ASP A 452 -29.17 17.68 -46.48
N LYS A 453 -29.92 16.76 -45.88
CA LYS A 453 -30.20 16.82 -44.46
C LYS A 453 -29.38 15.83 -43.65
N VAL A 454 -28.80 14.83 -44.28
CA VAL A 454 -27.99 13.84 -43.58
C VAL A 454 -26.59 14.39 -43.38
N LEU A 455 -26.10 14.35 -42.15
CA LEU A 455 -24.73 14.75 -41.83
C LEU A 455 -24.06 13.59 -41.11
N VAL A 456 -23.17 12.91 -41.80
CA VAL A 456 -22.40 11.84 -41.18
C VAL A 456 -21.11 12.42 -40.65
N THR A 457 -20.68 11.93 -39.49
CA THR A 457 -19.45 12.38 -38.84
C THR A 457 -18.59 11.15 -38.60
N LEU A 458 -17.57 10.96 -39.42
CA LEU A 458 -16.64 9.84 -39.28
C LEU A 458 -15.28 10.39 -38.93
N GLY A 459 -14.72 9.93 -37.82
CA GLY A 459 -13.42 10.38 -37.38
C GLY A 459 -12.63 9.24 -36.78
N GLY A 460 -11.32 9.45 -36.75
CA GLY A 460 -10.41 8.47 -36.17
C GLY A 460 -9.18 9.18 -35.65
N ARG A 461 -8.46 8.48 -34.76
CA ARG A 461 -7.28 9.05 -34.14
C ARG A 461 -6.34 7.93 -33.75
N TYR A 462 -5.05 8.13 -34.00
CA TYR A 462 -4.02 7.22 -33.55
C TYR A 462 -3.17 7.91 -32.49
N ASP A 463 -2.96 7.25 -31.35
CA ASP A 463 -2.22 7.81 -30.24
C ASP A 463 -0.99 6.97 -29.93
N TRP A 464 0.03 7.63 -29.39
CA TRP A 464 1.29 7.01 -29.02
C TRP A 464 1.62 7.35 -27.56
N ALA A 465 0.66 7.11 -26.67
CA ALA A 465 0.84 7.44 -25.27
C ALA A 465 1.99 6.64 -24.65
N ASP A 466 2.98 7.35 -24.13
CA ASP A 466 4.09 6.77 -23.40
C ASP A 466 4.09 7.30 -21.97
N GLN A 467 4.35 6.42 -21.01
CA GLN A 467 4.39 6.80 -19.61
C GLN A 467 5.64 6.21 -18.97
N GLU A 468 6.24 6.98 -18.07
CA GLU A 468 7.44 6.54 -17.35
C GLU A 468 7.33 7.00 -15.91
N SER A 469 7.50 6.09 -14.97
CA SER A 469 7.43 6.39 -13.56
C SER A 469 8.71 5.92 -12.88
N LEU A 470 9.28 6.78 -12.05
CA LEU A 470 10.54 6.48 -11.37
C LEU A 470 10.32 6.64 -9.87
N ASN A 471 10.66 5.60 -9.11
CA ASN A 471 10.55 5.62 -7.65
C ASN A 471 11.89 6.08 -7.10
N ARG A 472 11.92 7.31 -6.57
CA ARG A 472 13.20 7.87 -6.12
C ARG A 472 13.70 7.20 -4.85
N VAL A 473 12.81 6.58 -4.07
CA VAL A 473 13.24 5.94 -2.84
C VAL A 473 14.07 4.70 -3.13
N ALA A 474 13.68 3.93 -4.14
CA ALA A 474 14.34 2.68 -4.48
C ALA A 474 15.01 2.72 -5.84
N GLY A 475 14.95 3.84 -6.56
CA GLY A 475 15.60 3.93 -7.85
C GLY A 475 15.09 2.93 -8.87
N THR A 476 13.78 2.69 -8.88
CA THR A 476 13.17 1.73 -9.79
C THR A 476 12.28 2.47 -10.78
N THR A 477 12.22 1.96 -12.01
CA THR A 477 11.51 2.63 -13.09
C THR A 477 10.45 1.71 -13.68
N ASP A 478 9.27 2.26 -13.90
CA ASP A 478 8.18 1.58 -14.61
C ASP A 478 7.91 2.36 -15.89
N LYS A 479 7.85 1.66 -17.01
CA LYS A 479 7.68 2.29 -18.31
C LYS A 479 6.77 1.45 -19.20
N ARG A 480 5.91 2.12 -19.96
CA ARG A 480 4.99 1.46 -20.87
C ARG A 480 4.66 2.40 -22.00
N ASP A 481 4.72 1.89 -23.24
CA ASP A 481 4.35 2.65 -24.42
C ASP A 481 3.12 2.01 -25.05
N ASP A 482 2.12 2.83 -25.37
CA ASP A 482 0.84 2.34 -25.86
C ASP A 482 0.54 2.94 -27.23
N LYS A 483 0.16 2.07 -28.17
CA LYS A 483 -0.36 2.47 -29.46
C LYS A 483 -1.84 2.14 -29.49
N GLN A 484 -2.68 3.15 -29.67
CA GLN A 484 -4.12 2.97 -29.61
C GLN A 484 -4.79 3.71 -30.75
N PHE A 485 -5.81 3.07 -31.33
CA PHE A 485 -6.63 3.68 -32.37
C PHE A 485 -8.06 3.75 -31.88
N THR A 486 -8.65 4.94 -31.95
CA THR A 486 -10.04 5.15 -31.58
C THR A 486 -10.74 5.87 -32.72
N TRP A 487 -12.00 5.51 -32.95
CA TRP A 487 -12.77 6.14 -34.02
C TRP A 487 -14.15 6.46 -33.49
N ARG A 488 -14.78 7.45 -34.11
CA ARG A 488 -16.15 7.86 -33.78
C ARG A 488 -16.94 7.96 -35.07
N GLY A 489 -18.15 7.42 -35.05
CA GLY A 489 -19.02 7.51 -36.20
C GLY A 489 -20.43 7.88 -35.81
N GLY A 490 -20.95 8.99 -36.34
CA GLY A 490 -22.29 9.42 -36.01
C GLY A 490 -23.02 9.93 -37.24
N VAL A 491 -24.35 9.88 -37.16
CA VAL A 491 -25.22 10.36 -38.23
C VAL A 491 -26.27 11.26 -37.59
N ASN A 492 -26.46 12.45 -38.17
CA ASN A 492 -27.52 13.36 -37.77
C ASN A 492 -28.43 13.62 -38.97
N TYR A 493 -29.73 13.54 -38.76
CA TYR A 493 -30.71 13.91 -39.78
C TYR A 493 -31.39 15.19 -39.33
N LEU A 494 -31.28 16.24 -40.15
CA LEU A 494 -31.72 17.58 -39.77
C LEU A 494 -33.08 17.86 -40.40
N PHE A 495 -34.15 17.58 -39.66
CA PHE A 495 -35.47 18.00 -40.08
C PHE A 495 -35.55 19.52 -40.09
N ASP A 496 -36.33 20.07 -41.02
CA ASP A 496 -36.54 21.52 -41.04
C ASP A 496 -37.33 22.00 -39.84
N ASN A 497 -37.96 21.10 -39.09
CA ASN A 497 -38.65 21.47 -37.86
C ASN A 497 -37.70 21.80 -36.73
N GLY A 498 -36.40 21.53 -36.90
CA GLY A 498 -35.45 21.64 -35.82
C GLY A 498 -35.19 20.34 -35.09
N VAL A 499 -36.04 19.34 -35.29
CA VAL A 499 -35.84 18.04 -34.67
C VAL A 499 -34.68 17.33 -35.34
N THR A 500 -33.71 16.89 -34.55
CA THR A 500 -32.50 16.26 -35.07
C THR A 500 -32.26 14.93 -34.38
N PRO A 501 -32.85 13.85 -34.86
CA PRO A 501 -32.46 12.53 -34.39
C PRO A 501 -31.01 12.24 -34.77
N TYR A 502 -30.33 11.50 -33.91
CA TYR A 502 -28.94 11.16 -34.19
C TYR A 502 -28.60 9.85 -33.51
N PHE A 503 -27.51 9.25 -33.97
CA PHE A 503 -26.93 8.09 -33.31
C PHE A 503 -25.44 8.10 -33.59
N SER A 504 -24.65 7.71 -32.60
CA SER A 504 -23.21 7.69 -32.78
C SER A 504 -22.60 6.54 -32.00
N TYR A 505 -21.43 6.10 -32.45
CA TYR A 505 -20.61 5.15 -31.74
C TYR A 505 -19.24 5.77 -31.51
N SER A 506 -18.78 5.78 -30.27
CA SER A 506 -17.52 6.40 -29.91
C SER A 506 -16.67 5.44 -29.10
N GLU A 507 -15.38 5.42 -29.40
CA GLU A 507 -14.42 4.63 -28.65
C GLU A 507 -13.54 5.54 -27.81
N SER A 508 -12.96 4.97 -26.76
CA SER A 508 -12.07 5.72 -25.89
C SER A 508 -11.00 4.79 -25.38
N PHE A 509 -9.93 5.37 -24.86
CA PHE A 509 -8.90 4.59 -24.19
C PHE A 509 -8.31 5.42 -23.07
N GLU A 510 -7.76 4.74 -22.09
CA GLU A 510 -7.15 5.38 -20.92
C GLU A 510 -6.04 4.47 -20.43
N PRO A 511 -4.78 4.80 -20.69
CA PRO A 511 -3.68 3.93 -20.27
C PRO A 511 -3.69 3.73 -18.76
N SER A 512 -3.42 2.50 -18.35
CA SER A 512 -3.40 2.18 -16.94
C SER A 512 -2.15 2.73 -16.27
N SER A 513 -2.25 2.95 -14.96
CA SER A 513 -1.12 3.38 -14.17
C SER A 513 -0.61 2.29 -13.22
N GLN A 514 -1.40 1.27 -12.95
CA GLN A 514 -1.00 0.21 -12.04
C GLN A 514 -0.14 -0.81 -12.75
N VAL A 515 0.46 -1.70 -11.95
CA VAL A 515 1.21 -2.84 -12.45
C VAL A 515 0.65 -4.10 -11.80
N GLY A 516 0.92 -5.23 -12.42
CA GLY A 516 0.47 -6.52 -11.91
C GLY A 516 1.51 -7.19 -11.05
N LYS A 517 1.34 -8.51 -10.89
CA LYS A 517 2.29 -9.28 -10.11
C LYS A 517 3.68 -9.31 -10.73
N ASP A 518 3.78 -9.10 -12.04
CA ASP A 518 5.04 -9.15 -12.74
C ASP A 518 5.74 -7.80 -12.86
N GLY A 519 5.13 -6.73 -12.34
CA GLY A 519 5.73 -5.42 -12.41
C GLY A 519 5.53 -4.69 -13.71
N ASN A 520 4.67 -5.18 -14.60
CA ASN A 520 4.41 -4.52 -15.87
C ASN A 520 3.12 -3.73 -15.80
N ILE A 521 3.15 -2.53 -16.37
CA ILE A 521 1.95 -1.69 -16.42
C ILE A 521 0.91 -2.36 -17.31
N PHE A 522 -0.34 -2.30 -16.87
CA PHE A 522 -1.43 -2.97 -17.56
C PHE A 522 -1.72 -2.32 -18.91
N ALA A 523 -2.44 -3.05 -19.75
CA ALA A 523 -2.92 -2.51 -21.01
C ALA A 523 -4.01 -1.48 -20.75
N PRO A 524 -4.20 -0.52 -21.66
CA PRO A 524 -5.19 0.53 -21.42
C PRO A 524 -6.61 -0.02 -21.33
N SER A 525 -7.39 0.59 -20.46
CA SER A 525 -8.82 0.34 -20.43
C SER A 525 -9.49 1.10 -21.57
N LYS A 526 -10.52 0.51 -22.14
CA LYS A 526 -11.19 1.07 -23.30
C LYS A 526 -12.66 1.32 -22.99
N GLY A 527 -13.18 2.43 -23.51
CA GLY A 527 -14.59 2.73 -23.38
C GLY A 527 -15.27 2.80 -24.73
N LYS A 528 -16.37 2.07 -24.89
CA LYS A 528 -17.17 2.10 -26.10
C LYS A 528 -18.59 2.51 -25.75
N GLN A 529 -19.21 3.27 -26.63
CA GLN A 529 -20.55 3.78 -26.36
C GLN A 529 -21.39 3.76 -27.62
N TYR A 530 -22.62 3.30 -27.48
CA TYR A 530 -23.67 3.50 -28.47
C TYR A 530 -24.64 4.51 -27.88
N GLU A 531 -24.91 5.57 -28.62
CA GLU A 531 -25.80 6.63 -28.15
C GLU A 531 -26.79 6.94 -29.25
N VAL A 532 -28.08 6.92 -28.91
CA VAL A 532 -29.15 7.36 -29.80
C VAL A 532 -29.85 8.52 -29.11
N GLY A 533 -30.02 9.62 -29.84
CA GLY A 533 -30.63 10.79 -29.24
C GLY A 533 -31.42 11.60 -30.23
N VAL A 534 -32.15 12.58 -29.71
CA VAL A 534 -32.88 13.55 -30.51
C VAL A 534 -32.61 14.92 -29.94
N LYS A 535 -32.28 15.87 -30.82
CA LYS A 535 -32.06 17.25 -30.43
C LYS A 535 -33.12 18.12 -31.08
N TYR A 536 -33.78 18.94 -30.28
CA TYR A 536 -34.75 19.91 -30.79
C TYR A 536 -34.09 21.29 -30.67
N VAL A 537 -33.60 21.80 -31.79
CA VAL A 537 -32.98 23.12 -31.83
C VAL A 537 -33.66 23.91 -32.93
N PRO A 538 -34.86 24.45 -32.70
CA PRO A 538 -35.53 25.23 -33.74
C PRO A 538 -34.75 26.50 -34.07
N GLU A 539 -34.86 26.90 -35.32
CA GLU A 539 -34.14 28.07 -35.82
C GLU A 539 -34.88 29.37 -35.59
N ASP A 540 -36.18 29.33 -35.29
CA ASP A 540 -36.97 30.53 -35.09
C ASP A 540 -37.44 30.71 -33.65
N ARG A 541 -37.14 29.78 -32.76
CA ARG A 541 -37.60 29.88 -31.38
C ARG A 541 -36.42 29.69 -30.44
N PRO A 542 -36.46 30.33 -29.26
CA PRO A 542 -35.36 30.19 -28.29
C PRO A 542 -35.56 29.00 -27.36
N ILE A 543 -35.48 27.80 -27.93
CA ILE A 543 -35.67 26.56 -27.20
C ILE A 543 -34.55 25.60 -27.59
N VAL A 544 -33.96 24.94 -26.60
CA VAL A 544 -32.98 23.87 -26.83
C VAL A 544 -33.42 22.69 -25.98
N VAL A 545 -33.98 21.67 -26.62
CA VAL A 545 -34.38 20.43 -25.96
C VAL A 545 -33.58 19.29 -26.57
N THR A 546 -32.86 18.55 -25.73
CA THR A 546 -32.05 17.43 -26.18
C THR A 546 -32.34 16.22 -25.32
N GLY A 547 -32.43 15.07 -25.94
CA GLY A 547 -32.55 13.80 -25.23
C GLY A 547 -31.63 12.77 -25.83
N ALA A 548 -31.24 11.80 -25.02
CA ALA A 548 -30.31 10.78 -25.48
C ALA A 548 -30.40 9.55 -24.60
N VAL A 549 -30.33 8.37 -25.23
CA VAL A 549 -30.20 7.11 -24.53
C VAL A 549 -28.87 6.49 -24.95
N TYR A 550 -28.09 6.08 -23.95
CA TYR A 550 -26.72 5.63 -24.21
C TYR A 550 -26.47 4.27 -23.58
N ASN A 551 -25.51 3.56 -24.15
CA ASN A 551 -24.98 2.31 -23.61
C ASN A 551 -23.46 2.45 -23.63
N LEU A 552 -22.89 2.81 -22.49
CA LEU A 552 -21.46 3.05 -22.37
C LEU A 552 -20.83 1.95 -21.53
N THR A 553 -19.82 1.29 -22.07
CA THR A 553 -19.13 0.21 -21.36
C THR A 553 -17.65 0.53 -21.27
N LYS A 554 -17.07 0.30 -20.10
CA LYS A 554 -15.63 0.42 -19.90
C LYS A 554 -15.05 -0.97 -19.71
N THR A 555 -14.44 -1.51 -20.76
CA THR A 555 -13.81 -2.81 -20.69
C THR A 555 -12.36 -2.68 -20.23
N ASN A 556 -11.79 -3.82 -19.85
CA ASN A 556 -10.42 -3.89 -19.33
C ASN A 556 -10.25 -3.07 -18.06
N ASN A 557 -11.30 -2.98 -17.25
CA ASN A 557 -11.21 -2.31 -15.96
C ASN A 557 -10.35 -3.15 -15.01
N LEU A 558 -9.70 -2.47 -14.07
CA LEU A 558 -8.87 -3.16 -13.10
C LEU A 558 -9.70 -3.64 -11.91
N MET A 559 -9.42 -4.86 -11.46
CA MET A 559 -10.21 -5.48 -10.40
C MET A 559 -9.28 -6.25 -9.47
N ALA A 560 -9.84 -6.71 -8.36
CA ALA A 560 -9.05 -7.40 -7.35
C ALA A 560 -8.64 -8.78 -7.83
N ASP A 561 -7.50 -9.24 -7.33
CA ASP A 561 -6.97 -10.56 -7.69
C ASP A 561 -7.81 -11.63 -7.01
N PRO A 562 -8.35 -12.60 -7.75
CA PRO A 562 -9.12 -13.68 -7.12
C PRO A 562 -8.28 -14.82 -6.58
N GLU A 563 -6.95 -14.76 -6.73
CA GLU A 563 -6.08 -15.88 -6.41
C GLU A 563 -5.23 -15.65 -5.15
N GLY A 564 -5.78 -14.95 -4.17
CA GLY A 564 -5.06 -14.75 -2.93
C GLY A 564 -3.99 -13.69 -2.95
N SER A 565 -3.93 -12.88 -3.99
CA SER A 565 -3.03 -11.74 -4.05
C SER A 565 -3.82 -10.46 -3.90
N PHE A 566 -3.13 -9.39 -3.51
CA PHE A 566 -3.75 -8.08 -3.39
C PHE A 566 -3.44 -7.17 -4.57
N PHE A 567 -2.70 -7.66 -5.56
CA PHE A 567 -2.49 -6.90 -6.77
C PHE A 567 -3.78 -6.82 -7.57
N SER A 568 -3.81 -5.88 -8.51
CA SER A 568 -4.93 -5.80 -9.44
C SER A 568 -4.67 -6.73 -10.63
N VAL A 569 -5.76 -7.07 -11.33
CA VAL A 569 -5.68 -7.80 -12.57
C VAL A 569 -6.54 -7.09 -13.60
N GLU A 570 -6.32 -7.41 -14.86
CA GLU A 570 -7.15 -6.87 -15.93
C GLU A 570 -8.43 -7.68 -16.07
N GLY A 571 -9.27 -7.29 -17.01
CA GLY A 571 -10.42 -8.07 -17.39
C GLY A 571 -11.75 -7.60 -16.82
N GLY A 572 -11.74 -6.58 -15.98
CA GLY A 572 -12.98 -6.05 -15.45
C GLY A 572 -13.78 -5.30 -16.51
N GLU A 573 -15.07 -5.13 -16.23
CA GLU A 573 -15.93 -4.40 -17.14
C GLU A 573 -17.03 -3.70 -16.35
N ILE A 574 -17.27 -2.44 -16.68
CA ILE A 574 -18.36 -1.65 -16.12
C ILE A 574 -19.23 -1.18 -17.27
N ARG A 575 -20.53 -1.35 -17.14
CA ARG A 575 -21.48 -0.93 -18.15
C ARG A 575 -22.41 0.11 -17.54
N ALA A 576 -22.63 1.20 -18.26
CA ALA A 576 -23.54 2.25 -17.83
C ALA A 576 -24.51 2.56 -18.97
N ARG A 577 -25.80 2.38 -18.70
CA ARG A 577 -26.86 2.77 -19.60
C ARG A 577 -27.66 3.88 -18.94
N GLY A 578 -28.42 4.63 -19.74
CA GLY A 578 -29.26 5.64 -19.15
C GLY A 578 -29.86 6.57 -20.18
N VAL A 579 -30.69 7.48 -19.66
CA VAL A 579 -31.41 8.46 -20.44
C VAL A 579 -31.10 9.83 -19.87
N GLU A 580 -30.80 10.79 -20.74
CA GLU A 580 -30.55 12.16 -20.33
C GLU A 580 -31.49 13.07 -21.11
N ILE A 581 -32.20 13.94 -20.39
CA ILE A 581 -33.08 14.93 -21.01
C ILE A 581 -32.68 16.29 -20.50
N GLU A 582 -32.47 17.24 -21.41
CA GLU A 582 -32.13 18.60 -21.07
C GLU A 582 -33.03 19.55 -21.83
N ALA A 583 -33.54 20.57 -21.16
CA ALA A 583 -34.41 21.55 -21.78
C ALA A 583 -33.99 22.95 -21.36
N LYS A 584 -33.83 23.82 -22.35
CA LYS A 584 -33.64 25.24 -22.13
C LYS A 584 -34.69 25.97 -22.95
N ALA A 585 -35.37 26.94 -22.33
CA ALA A 585 -36.40 27.67 -23.05
C ALA A 585 -36.55 29.06 -22.43
N ALA A 586 -36.99 29.99 -23.26
CA ALA A 586 -37.41 31.32 -22.83
C ALA A 586 -38.89 31.40 -23.12
N LEU A 587 -39.71 30.98 -22.14
CA LEU A 587 -41.14 30.90 -22.34
C LEU A 587 -41.73 32.27 -22.63
N SER A 588 -41.28 33.30 -21.92
CA SER A 588 -41.60 34.69 -22.21
C SER A 588 -40.30 35.47 -22.30
N ALA A 589 -40.41 36.75 -22.64
CA ALA A 589 -39.24 37.62 -22.57
C ALA A 589 -38.78 37.80 -21.14
N SER A 590 -39.64 37.50 -20.16
CA SER A 590 -39.31 37.64 -18.75
C SER A 590 -38.93 36.32 -18.08
N VAL A 591 -39.28 35.18 -18.68
CA VAL A 591 -39.15 33.88 -18.04
C VAL A 591 -38.16 33.04 -18.83
N ASN A 592 -37.14 32.54 -18.14
CA ASN A 592 -36.18 31.60 -18.72
C ASN A 592 -36.14 30.36 -17.84
N VAL A 593 -36.21 29.19 -18.44
CA VAL A 593 -36.26 27.94 -17.72
C VAL A 593 -35.14 27.04 -18.21
N VAL A 594 -34.34 26.53 -17.29
CA VAL A 594 -33.31 25.53 -17.57
C VAL A 594 -33.61 24.31 -16.73
N GLY A 595 -33.74 23.16 -17.37
CA GLY A 595 -34.04 21.94 -16.65
C GLY A 595 -33.29 20.76 -17.24
N SER A 596 -33.13 19.73 -16.43
CA SER A 596 -32.46 18.52 -16.86
C SER A 596 -32.95 17.35 -16.04
N TYR A 597 -32.93 16.16 -16.64
CA TYR A 597 -33.23 14.92 -15.96
C TYR A 597 -32.22 13.87 -16.38
N THR A 598 -31.87 12.99 -15.46
CA THR A 598 -30.91 11.93 -15.73
C THR A 598 -31.37 10.62 -15.12
N TYR A 599 -31.29 9.56 -15.90
CA TYR A 599 -31.43 8.20 -15.39
C TYR A 599 -30.13 7.46 -15.67
N THR A 600 -29.55 6.86 -14.63
CA THR A 600 -28.28 6.18 -14.77
C THR A 600 -28.41 4.76 -14.24
N ASP A 601 -27.93 3.80 -15.04
CA ASP A 601 -27.89 2.40 -14.65
C ASP A 601 -26.44 1.94 -14.81
N ALA A 602 -25.64 2.15 -13.78
CA ALA A 602 -24.24 1.76 -13.78
C ALA A 602 -24.09 0.46 -13.01
N GLU A 603 -23.35 -0.49 -13.59
CA GLU A 603 -23.27 -1.82 -13.01
C GLU A 603 -21.94 -2.45 -13.38
N TYR A 604 -21.33 -3.15 -12.43
CA TYR A 604 -20.12 -3.94 -12.68
C TYR A 604 -20.53 -5.21 -13.40
N THR A 605 -20.35 -5.22 -14.71
CA THR A 605 -20.71 -6.40 -15.49
C THR A 605 -19.75 -7.55 -15.21
N THR A 606 -18.47 -7.26 -15.11
CA THR A 606 -17.45 -8.26 -14.78
C THR A 606 -16.52 -7.67 -13.73
N ASP A 607 -16.36 -8.38 -12.62
CA ASP A 607 -15.48 -7.94 -11.54
C ASP A 607 -15.33 -9.07 -10.53
N THR A 608 -14.15 -9.16 -9.91
CA THR A 608 -13.90 -10.22 -8.95
C THR A 608 -14.79 -10.09 -7.72
N THR A 609 -14.79 -8.93 -7.10
CA THR A 609 -15.79 -8.54 -6.12
C THR A 609 -16.65 -7.46 -6.76
N TYR A 610 -17.71 -7.04 -6.07
CA TYR A 610 -18.65 -6.05 -6.56
C TYR A 610 -19.34 -6.47 -7.85
N LYS A 611 -19.28 -7.75 -8.22
CA LYS A 611 -19.88 -8.20 -9.46
C LYS A 611 -21.40 -8.03 -9.39
N GLY A 612 -21.95 -7.27 -10.34
CA GLY A 612 -23.34 -6.93 -10.33
C GLY A 612 -23.71 -5.72 -9.50
N ASN A 613 -22.76 -5.15 -8.76
CA ASN A 613 -23.00 -4.00 -7.92
C ASN A 613 -22.96 -2.71 -8.75
N THR A 614 -23.53 -1.67 -8.19
CA THR A 614 -23.51 -0.33 -8.74
C THR A 614 -22.32 0.43 -8.16
N PRO A 615 -21.54 1.14 -8.98
CA PRO A 615 -20.43 1.93 -8.45
C PRO A 615 -20.93 2.98 -7.47
N ALA A 616 -20.08 3.32 -6.50
CA ALA A 616 -20.43 4.29 -5.48
C ALA A 616 -20.59 5.69 -6.07
N GLN A 617 -21.38 6.51 -5.38
CA GLN A 617 -21.61 7.91 -5.72
C GLN A 617 -22.30 8.08 -7.08
N VAL A 618 -23.02 7.08 -7.54
CA VAL A 618 -23.75 7.16 -8.80
C VAL A 618 -25.24 6.98 -8.50
N PRO A 619 -26.02 8.04 -8.51
CA PRO A 619 -27.46 7.92 -8.30
C PRO A 619 -28.15 7.35 -9.52
N LYS A 620 -29.30 6.72 -9.29
CA LYS A 620 -30.10 6.25 -10.41
C LYS A 620 -30.83 7.39 -11.09
N HIS A 621 -31.31 8.36 -10.31
CA HIS A 621 -32.09 9.47 -10.84
C HIS A 621 -31.48 10.78 -10.37
N MET A 622 -31.34 11.72 -11.30
CA MET A 622 -30.96 13.09 -10.99
C MET A 622 -31.87 14.02 -11.77
N ALA A 623 -32.28 15.11 -11.14
CA ALA A 623 -33.08 16.11 -11.80
C ALA A 623 -32.63 17.49 -11.34
N SER A 624 -32.90 18.49 -12.17
CA SER A 624 -32.57 19.86 -11.83
C SER A 624 -33.49 20.76 -12.63
N LEU A 625 -33.98 21.81 -12.00
CA LEU A 625 -34.88 22.76 -12.65
C LEU A 625 -34.53 24.16 -12.20
N TRP A 626 -34.43 25.08 -13.15
CA TRP A 626 -34.16 26.47 -12.86
C TRP A 626 -35.19 27.34 -13.57
N ALA A 627 -35.57 28.44 -12.94
CA ALA A 627 -36.46 29.41 -13.56
C ALA A 627 -36.18 30.77 -12.96
N ASP A 628 -36.09 31.79 -13.81
CA ASP A 628 -35.92 33.15 -13.34
C ASP A 628 -36.93 34.06 -14.04
N TYR A 629 -37.46 35.01 -13.27
CA TYR A 629 -38.46 35.95 -13.75
C TYR A 629 -37.89 37.35 -13.64
N THR A 630 -37.94 38.10 -14.74
CA THR A 630 -37.41 39.46 -14.78
C THR A 630 -38.55 40.44 -14.98
N PHE A 631 -38.66 41.42 -14.08
CA PHE A 631 -39.68 42.45 -14.21
C PHE A 631 -39.18 43.51 -15.17
N PHE A 632 -39.97 43.78 -16.21
CA PHE A 632 -39.63 44.80 -17.20
C PHE A 632 -40.52 46.03 -17.13
N ASP A 633 -41.52 46.04 -16.26
CA ASP A 633 -42.40 47.18 -16.12
C ASP A 633 -42.93 47.25 -14.70
N GLY A 634 -43.38 48.44 -14.31
CA GLY A 634 -43.93 48.65 -13.00
C GLY A 634 -42.92 49.15 -12.00
N PRO A 635 -43.32 49.25 -10.74
CA PRO A 635 -42.37 49.68 -9.69
C PRO A 635 -41.23 48.71 -9.49
N LEU A 636 -41.40 47.44 -9.82
CA LEU A 636 -40.39 46.42 -9.61
C LEU A 636 -39.52 46.21 -10.84
N SER A 637 -39.54 47.13 -11.79
CA SER A 637 -38.81 46.95 -13.04
C SER A 637 -37.32 46.79 -12.78
N GLY A 638 -36.67 45.96 -13.59
CA GLY A 638 -35.27 45.67 -13.45
C GLY A 638 -34.94 44.63 -12.40
N LEU A 639 -35.94 44.11 -11.70
CA LEU A 639 -35.72 43.09 -10.68
C LEU A 639 -35.82 41.71 -11.31
N THR A 640 -34.89 40.84 -10.96
CA THR A 640 -34.89 39.45 -11.39
C THR A 640 -35.05 38.58 -10.16
N LEU A 641 -36.05 37.71 -10.16
CA LEU A 641 -36.21 36.69 -9.14
C LEU A 641 -35.87 35.34 -9.76
N GLY A 642 -34.89 34.67 -9.19
CA GLY A 642 -34.48 33.35 -9.66
C GLY A 642 -34.67 32.31 -8.58
N THR A 643 -35.05 31.12 -9.00
CA THR A 643 -35.17 30.00 -8.08
C THR A 643 -34.87 28.72 -8.83
N GLY A 644 -34.39 27.72 -8.09
CA GLY A 644 -34.00 26.47 -8.72
C GLY A 644 -33.93 25.37 -7.71
N GLY A 645 -33.84 24.15 -8.21
CA GLY A 645 -33.76 23.00 -7.34
C GLY A 645 -33.06 21.83 -7.99
N ARG A 646 -32.10 21.25 -7.30
CA ARG A 646 -31.40 20.07 -7.78
C ARG A 646 -31.76 18.88 -6.91
N TYR A 647 -32.21 17.81 -7.55
CA TYR A 647 -32.53 16.57 -6.86
C TYR A 647 -31.48 15.53 -7.20
N THR A 648 -30.94 14.88 -6.17
CA THR A 648 -30.02 13.77 -6.34
C THR A 648 -30.66 12.55 -5.71
N GLY A 649 -30.82 11.49 -6.50
CA GLY A 649 -31.40 10.26 -6.00
C GLY A 649 -30.45 9.55 -5.06
N SER A 650 -30.96 8.48 -4.46
CA SER A 650 -30.15 7.69 -3.55
C SER A 650 -29.03 7.00 -4.33
N SER A 651 -27.85 6.97 -3.74
CA SER A 651 -26.70 6.32 -4.33
C SER A 651 -26.05 5.43 -3.29
N TYR A 652 -25.33 4.41 -3.76
CA TYR A 652 -24.67 3.48 -2.86
C TYR A 652 -23.39 4.08 -2.31
N GLY A 653 -23.14 3.85 -1.03
CA GLY A 653 -22.02 4.47 -0.36
C GLY A 653 -20.69 3.78 -0.50
N ASP A 654 -20.65 2.58 -1.09
CA ASP A 654 -19.40 1.85 -1.25
C ASP A 654 -19.56 0.88 -2.40
N PRO A 655 -18.46 0.47 -3.02
CA PRO A 655 -18.56 -0.48 -4.15
C PRO A 655 -19.17 -1.82 -3.76
N ALA A 656 -19.09 -2.21 -2.50
CA ALA A 656 -19.76 -3.41 -2.03
C ALA A 656 -21.27 -3.24 -1.94
N ASN A 657 -21.77 -2.01 -2.07
CA ASN A 657 -23.20 -1.71 -1.95
C ASN A 657 -23.74 -2.14 -0.59
N SER A 658 -22.92 -2.00 0.45
CA SER A 658 -23.33 -2.39 1.78
C SER A 658 -24.37 -1.43 2.34
N PHE A 659 -24.13 -0.14 2.23
CA PHE A 659 -25.06 0.88 2.71
C PHE A 659 -25.38 1.83 1.59
N LYS A 660 -26.36 2.69 1.84
CA LYS A 660 -26.89 3.58 0.82
C LYS A 660 -26.96 5.01 1.35
N VAL A 661 -26.63 5.96 0.50
CA VAL A 661 -26.75 7.38 0.81
C VAL A 661 -28.11 7.85 0.33
N GLY A 662 -28.85 8.50 1.22
CA GLY A 662 -30.21 8.90 0.88
C GLY A 662 -30.27 9.99 -0.16
N SER A 663 -31.46 10.16 -0.71
CA SER A 663 -31.70 11.22 -1.68
C SER A 663 -31.78 12.56 -0.97
N TYR A 664 -31.69 13.63 -1.75
CA TYR A 664 -31.86 14.97 -1.21
C TYR A 664 -32.26 15.92 -2.31
N THR A 665 -32.95 17.00 -1.93
CA THR A 665 -33.28 18.09 -2.81
C THR A 665 -32.74 19.37 -2.23
N VAL A 666 -31.98 20.11 -3.03
CA VAL A 666 -31.36 21.36 -2.62
C VAL A 666 -31.97 22.48 -3.46
N VAL A 667 -32.44 23.53 -2.80
CA VAL A 667 -33.12 24.63 -3.47
C VAL A 667 -32.23 25.86 -3.41
N ASP A 668 -32.00 26.48 -4.56
CA ASP A 668 -31.22 27.70 -4.65
C ASP A 668 -32.12 28.84 -5.10
N ALA A 669 -32.03 29.97 -4.43
CA ALA A 669 -32.79 31.17 -4.76
C ALA A 669 -31.85 32.23 -5.32
N LEU A 670 -32.46 33.29 -5.84
CA LEU A 670 -31.70 34.37 -6.47
C LEU A 670 -32.58 35.61 -6.55
N VAL A 671 -32.04 36.74 -6.12
CA VAL A 671 -32.67 38.04 -6.29
C VAL A 671 -31.64 38.96 -6.93
N ARG A 672 -31.96 39.48 -8.12
CA ARG A 672 -31.06 40.33 -8.87
C ARG A 672 -31.75 41.62 -9.24
N TYR A 673 -31.04 42.73 -9.12
CA TYR A 673 -31.58 44.04 -9.47
C TYR A 673 -30.63 44.71 -10.44
N ASP A 674 -31.15 45.11 -11.60
CA ASP A 674 -30.35 45.83 -12.59
C ASP A 674 -30.25 47.29 -12.19
N LEU A 675 -29.05 47.76 -11.94
CA LEU A 675 -28.82 49.14 -11.51
C LEU A 675 -28.88 50.12 -12.66
N ALA A 676 -29.27 49.70 -13.86
CA ALA A 676 -29.32 50.60 -15.00
C ALA A 676 -30.30 51.73 -14.76
N ARG A 677 -31.45 51.42 -14.18
CA ARG A 677 -32.44 52.46 -13.92
C ARG A 677 -31.96 53.46 -12.88
N VAL A 678 -31.31 52.97 -11.81
CA VAL A 678 -30.85 53.88 -10.76
C VAL A 678 -29.73 54.78 -11.27
N GLY A 679 -29.19 54.50 -12.45
CA GLY A 679 -28.20 55.36 -13.08
C GLY A 679 -26.93 54.66 -13.54
N MET A 680 -26.77 53.36 -13.29
CA MET A 680 -25.54 52.64 -13.60
C MET A 680 -25.85 51.54 -14.61
N ALA A 681 -25.75 51.88 -15.89
CA ALA A 681 -26.01 50.90 -16.94
C ALA A 681 -25.00 49.76 -16.87
N GLY A 682 -25.49 48.53 -17.02
CA GLY A 682 -24.63 47.36 -16.95
C GLY A 682 -24.44 46.83 -15.54
N SER A 683 -24.43 47.73 -14.56
CA SER A 683 -24.23 47.33 -13.18
C SER A 683 -25.46 46.62 -12.64
N ASN A 684 -25.24 45.76 -11.65
CA ASN A 684 -26.33 45.05 -10.99
C ASN A 684 -25.85 44.61 -9.61
N VAL A 685 -26.81 44.48 -8.69
CA VAL A 685 -26.56 43.92 -7.36
C VAL A 685 -27.45 42.71 -7.19
N ALA A 686 -26.87 41.61 -6.71
CA ALA A 686 -27.58 40.35 -6.59
C ALA A 686 -27.40 39.77 -5.20
N LEU A 687 -28.34 38.92 -4.82
CA LEU A 687 -28.29 38.19 -3.56
C LEU A 687 -28.57 36.72 -3.84
N HIS A 688 -27.55 35.89 -3.68
CA HIS A 688 -27.67 34.46 -3.97
C HIS A 688 -27.77 33.67 -2.68
N VAL A 689 -28.78 32.82 -2.59
CA VAL A 689 -28.91 31.88 -1.49
C VAL A 689 -28.83 30.47 -2.06
N ASN A 690 -27.83 29.71 -1.62
CA ASN A 690 -27.68 28.32 -2.00
C ASN A 690 -28.07 27.45 -0.82
N ASN A 691 -28.78 26.36 -1.09
CA ASN A 691 -29.39 25.54 -0.06
C ASN A 691 -30.31 26.40 0.81
N LEU A 692 -31.34 26.93 0.16
CA LEU A 692 -32.20 27.92 0.80
C LEU A 692 -32.86 27.38 2.05
N PHE A 693 -33.23 26.11 2.05
CA PHE A 693 -33.88 25.49 3.19
C PHE A 693 -32.89 24.85 4.17
N ASP A 694 -31.60 25.06 3.95
CA ASP A 694 -30.55 24.64 4.89
C ASP A 694 -30.65 23.15 5.21
N ARG A 695 -30.87 22.34 4.18
CA ARG A 695 -30.94 20.90 4.36
C ARG A 695 -29.59 20.36 4.77
N GLU A 696 -29.59 19.47 5.77
CA GLU A 696 -28.38 18.77 6.20
C GLU A 696 -28.40 17.40 5.55
N TYR A 697 -27.52 17.20 4.57
CA TYR A 697 -27.50 15.97 3.79
C TYR A 697 -26.05 15.54 3.59
N VAL A 698 -25.89 14.24 3.38
CA VAL A 698 -24.60 13.69 2.98
C VAL A 698 -24.55 13.67 1.46
N ALA A 699 -23.58 14.37 0.89
CA ALA A 699 -23.51 14.50 -0.56
C ALA A 699 -23.27 13.15 -1.22
N SER A 700 -22.29 12.41 -0.72
CA SER A 700 -21.95 11.09 -1.25
C SER A 700 -20.94 10.45 -0.33
N CYS A 701 -20.76 9.14 -0.51
CA CYS A 701 -19.70 8.39 0.15
C CYS A 701 -19.09 7.45 -0.87
N PHE A 702 -17.77 7.42 -0.94
CA PHE A 702 -17.10 6.44 -1.80
C PHE A 702 -16.79 5.15 -1.09
N ASN A 703 -16.92 5.11 0.23
CA ASN A 703 -16.73 3.92 1.04
C ASN A 703 -17.28 4.22 2.43
N THR A 704 -17.21 3.23 3.32
CA THR A 704 -17.74 3.41 4.66
C THR A 704 -16.97 4.44 5.47
N TYR A 705 -15.72 4.73 5.09
CA TYR A 705 -14.91 5.66 5.84
C TYR A 705 -14.79 7.02 5.18
N GLY A 706 -15.09 7.14 3.90
CA GLY A 706 -15.07 8.44 3.25
C GLY A 706 -16.45 8.95 2.90
N CYS A 707 -16.96 9.87 3.72
CA CYS A 707 -18.25 10.50 3.48
C CYS A 707 -18.08 12.00 3.55
N PHE A 708 -18.91 12.73 2.81
CA PHE A 708 -18.79 14.17 2.70
C PHE A 708 -20.12 14.83 2.99
N TRP A 709 -20.11 15.82 3.87
CA TRP A 709 -21.32 16.58 4.15
C TRP A 709 -21.65 17.49 2.98
N GLY A 710 -22.93 17.68 2.71
CA GLY A 710 -23.34 18.68 1.75
C GLY A 710 -23.09 20.08 2.27
N ALA A 711 -23.08 21.03 1.34
CA ALA A 711 -22.83 22.42 1.72
C ALA A 711 -23.99 22.98 2.52
N GLU A 712 -23.66 23.74 3.57
CA GLU A 712 -24.66 24.44 4.36
C GLU A 712 -25.26 25.58 3.53
N ARG A 713 -26.27 26.24 4.11
CA ARG A 713 -26.87 27.38 3.44
C ARG A 713 -25.86 28.51 3.32
N GLN A 714 -25.74 29.06 2.12
CA GLN A 714 -24.79 30.13 1.83
C GLN A 714 -25.56 31.31 1.27
N VAL A 715 -25.39 32.47 1.89
CA VAL A 715 -25.98 33.71 1.42
C VAL A 715 -24.84 34.60 0.95
N VAL A 716 -24.93 35.05 -0.30
CA VAL A 716 -23.90 35.89 -0.90
C VAL A 716 -24.56 37.12 -1.50
N ALA A 717 -24.07 38.29 -1.13
CA ALA A 717 -24.45 39.55 -1.75
C ALA A 717 -23.30 39.99 -2.63
N THR A 718 -23.57 40.20 -3.92
CA THR A 718 -22.55 40.53 -4.89
C THR A 718 -22.97 41.74 -5.70
N ALA A 719 -22.03 42.66 -5.92
CA ALA A 719 -22.29 43.88 -6.68
C ALA A 719 -21.30 43.96 -7.83
N THR A 720 -21.83 44.05 -9.05
CA THR A 720 -21.03 44.18 -10.26
C THR A 720 -21.22 45.58 -10.82
N PHE A 721 -20.12 46.29 -11.08
CA PHE A 721 -20.17 47.63 -11.61
C PHE A 721 -19.46 47.67 -12.95
N ARG A 722 -20.15 48.16 -13.98
CA ARG A 722 -19.59 48.31 -15.31
C ARG A 722 -19.30 49.78 -15.55
N PHE A 723 -18.03 50.11 -15.77
CA PHE A 723 -17.63 51.49 -16.02
C PHE A 723 -17.44 51.73 -17.51
N SER B 38 34.74 -44.72 47.86
CA SER B 38 33.45 -45.25 47.43
C SER B 38 32.34 -44.25 47.70
N ASP B 39 32.46 -43.53 48.82
CA ASP B 39 31.47 -42.54 49.21
C ASP B 39 31.69 -41.19 48.55
N MET B 40 32.84 -40.96 47.94
CA MET B 40 33.19 -39.63 47.43
C MET B 40 32.52 -39.31 46.10
N SER B 41 31.49 -40.07 45.71
CA SER B 41 30.66 -39.75 44.54
C SER B 41 31.49 -39.77 43.25
N HIS B 42 32.19 -40.88 43.03
CA HIS B 42 32.99 -41.02 41.82
C HIS B 42 32.09 -41.11 40.60
N VAL B 43 32.47 -40.39 39.55
CA VAL B 43 31.76 -40.45 38.28
C VAL B 43 32.40 -41.53 37.44
N ILE B 44 31.65 -42.61 37.19
CA ILE B 44 32.16 -43.72 36.39
C ILE B 44 31.17 -43.99 35.27
N ILE B 45 31.70 -44.47 34.15
CA ILE B 45 30.87 -44.89 33.02
C ILE B 45 30.44 -46.33 33.29
N THR B 46 29.15 -46.53 33.55
CA THR B 46 28.68 -47.85 33.96
C THR B 46 28.62 -48.81 32.79
N GLU B 47 28.06 -48.38 31.66
CA GLU B 47 27.95 -49.22 30.49
C GLU B 47 28.24 -48.41 29.24
N THR B 48 28.68 -49.10 28.20
CA THR B 48 29.06 -48.48 26.94
C THR B 48 28.34 -49.19 25.81
N HIS B 49 27.79 -48.41 24.88
CA HIS B 49 27.10 -48.95 23.71
C HIS B 49 27.62 -48.25 22.46
N SER B 50 27.74 -49.02 21.39
CA SER B 50 28.24 -48.49 20.12
C SER B 50 27.37 -48.98 18.98
N THR B 51 27.36 -48.20 17.90
CA THR B 51 26.64 -48.56 16.69
C THR B 51 27.43 -48.08 15.49
N GLY B 52 27.23 -48.74 14.35
CA GLY B 52 27.85 -48.36 13.11
C GLY B 52 26.87 -47.58 12.26
N LEU B 53 27.32 -46.44 11.76
CA LEU B 53 26.46 -45.58 10.97
C LEU B 53 26.35 -46.12 9.54
N ARG B 54 25.31 -45.67 8.85
CA ARG B 54 25.08 -46.14 7.48
C ARG B 54 24.38 -45.06 6.68
N LEU B 55 24.70 -45.00 5.39
CA LEU B 55 24.01 -44.12 4.45
C LEU B 55 22.95 -44.90 3.67
N ASP B 56 22.09 -45.57 4.42
CA ASP B 56 21.12 -46.49 3.85
C ASP B 56 19.77 -45.78 3.76
N GLN B 57 18.83 -46.42 3.06
CA GLN B 57 17.46 -45.93 2.94
C GLN B 57 17.39 -44.52 2.39
N GLY B 58 18.23 -44.23 1.40
CA GLY B 58 18.15 -42.94 0.73
C GLY B 58 18.68 -41.77 1.52
N ALA B 59 19.57 -41.99 2.47
CA ALA B 59 20.16 -40.91 3.25
C ALA B 59 21.48 -40.51 2.57
N GLY B 60 21.44 -39.40 1.83
CA GLY B 60 22.59 -39.00 1.05
C GLY B 60 23.81 -38.69 1.90
N ASP B 61 23.68 -37.73 2.82
CA ASP B 61 24.76 -37.39 3.72
C ASP B 61 24.37 -37.49 5.19
N TYR B 62 23.22 -38.08 5.50
CA TYR B 62 22.80 -38.28 6.88
C TYR B 62 23.25 -39.68 7.32
N TYR B 63 24.43 -39.74 7.91
CA TYR B 63 24.90 -40.99 8.48
C TYR B 63 24.05 -41.35 9.69
N TRP B 64 23.18 -42.33 9.53
CA TRP B 64 22.21 -42.67 10.56
C TRP B 64 22.44 -44.09 11.06
N SER B 65 21.79 -44.40 12.16
CA SER B 65 21.79 -45.74 12.72
C SER B 65 20.68 -45.84 13.74
N GLU B 66 20.11 -47.03 13.86
CA GLU B 66 19.16 -47.31 14.92
C GLU B 66 19.90 -47.37 16.25
N MET B 67 19.39 -46.64 17.24
CA MET B 67 20.03 -46.63 18.54
C MET B 67 19.90 -48.01 19.20
N PRO B 68 20.90 -48.44 19.96
CA PRO B 68 20.75 -49.67 20.74
C PRO B 68 19.59 -49.54 21.71
N SER B 69 18.92 -50.68 21.94
CA SER B 69 17.68 -50.68 22.71
C SER B 69 17.87 -50.01 24.07
N ARG B 70 18.98 -50.33 24.75
CA ARG B 70 19.26 -49.71 26.03
C ARG B 70 19.45 -48.20 25.89
N VAL B 71 20.16 -47.77 24.83
CA VAL B 71 20.38 -46.35 24.61
C VAL B 71 19.05 -45.64 24.34
N THR B 72 18.17 -46.26 23.56
CA THR B 72 16.86 -45.68 23.31
C THR B 72 16.06 -45.57 24.60
N GLN B 73 16.07 -46.62 25.41
CA GLN B 73 15.34 -46.59 26.68
C GLN B 73 15.89 -45.51 27.60
N LEU B 74 17.20 -45.33 27.64
CA LEU B 74 17.78 -44.29 28.47
C LEU B 74 17.46 -42.90 27.93
N HIS B 75 17.50 -42.74 26.61
CA HIS B 75 17.24 -41.44 26.02
C HIS B 75 15.81 -41.01 26.25
N ASN B 76 14.87 -41.94 26.24
CA ASN B 76 13.46 -41.60 26.32
C ASN B 76 12.89 -41.75 27.73
N ASN B 77 12.96 -42.93 28.31
CA ASN B 77 12.29 -43.21 29.58
C ASN B 77 13.11 -42.84 30.81
N ASP B 78 14.41 -42.58 30.67
CA ASP B 78 15.27 -42.17 31.78
C ASP B 78 16.11 -40.97 31.36
N PRO B 79 15.47 -39.82 31.08
CA PRO B 79 16.22 -38.69 30.53
C PRO B 79 17.08 -37.95 31.54
N ASN B 80 16.90 -38.20 32.84
CA ASN B 80 17.72 -37.53 33.84
C ASN B 80 19.13 -38.10 33.91
N ARG B 81 19.33 -39.34 33.45
CA ARG B 81 20.66 -39.94 33.51
C ARG B 81 21.55 -39.32 32.44
N VAL B 82 22.72 -38.85 32.85
CA VAL B 82 23.66 -38.20 31.95
C VAL B 82 24.31 -39.28 31.09
N VAL B 83 24.05 -39.25 29.79
CA VAL B 83 24.64 -40.17 28.83
C VAL B 83 25.47 -39.33 27.87
N LEU B 84 26.76 -39.66 27.77
CA LEU B 84 27.66 -38.95 26.87
C LEU B 84 27.69 -39.65 25.52
N THR B 85 27.60 -38.86 24.45
CA THR B 85 27.58 -39.37 23.09
C THR B 85 28.89 -38.98 22.41
N GLU B 86 29.58 -39.96 21.85
CA GLU B 86 30.85 -39.74 21.16
C GLU B 86 30.70 -40.17 19.70
N ILE B 87 31.09 -39.28 18.80
CA ILE B 87 31.12 -39.57 17.37
C ILE B 87 32.56 -39.91 17.01
N GLU B 88 32.75 -41.01 16.30
CA GLU B 88 34.06 -41.36 15.75
C GLU B 88 33.99 -41.24 14.24
N PHE B 89 34.93 -40.50 13.66
CA PHE B 89 34.90 -40.22 12.24
C PHE B 89 35.81 -41.19 11.49
N SER B 90 35.63 -41.24 10.16
CA SER B 90 36.35 -42.21 9.35
C SER B 90 37.85 -41.99 9.42
N ASP B 91 38.27 -40.74 9.64
CA ASP B 91 39.69 -40.40 9.78
C ASP B 91 40.24 -40.73 11.14
N GLY B 92 39.45 -41.33 12.03
CA GLY B 92 39.91 -41.73 13.34
C GLY B 92 39.69 -40.71 14.43
N SER B 93 39.35 -39.47 14.10
CA SER B 93 39.11 -38.46 15.11
C SER B 93 37.78 -38.73 15.82
N ARG B 94 37.75 -38.47 17.12
CA ARG B 94 36.58 -38.69 17.94
C ARG B 94 36.16 -37.40 18.63
N HIS B 95 34.86 -37.14 18.67
CA HIS B 95 34.34 -35.94 19.28
C HIS B 95 33.16 -36.29 20.18
N MET B 96 33.12 -35.69 21.37
CA MET B 96 32.03 -35.86 22.30
C MET B 96 30.98 -34.78 22.05
N LEU B 97 29.74 -35.20 21.82
CA LEU B 97 28.67 -34.25 21.51
C LEU B 97 28.49 -33.25 22.65
N SER B 98 28.39 -31.98 22.30
CA SER B 98 28.27 -30.94 23.30
C SER B 98 27.58 -29.73 22.69
N GLY B 99 26.72 -29.10 23.48
CA GLY B 99 26.08 -27.87 23.06
C GLY B 99 24.89 -28.10 22.16
N MET B 100 24.34 -26.99 21.68
CA MET B 100 23.23 -26.99 20.75
C MET B 100 23.52 -25.97 19.66
N SER B 101 22.90 -26.18 18.50
CA SER B 101 23.06 -25.25 17.39
C SER B 101 21.74 -25.16 16.64
N MET B 102 21.57 -24.05 15.93
CA MET B 102 20.33 -23.77 15.22
C MET B 102 20.66 -23.22 13.84
N GLY B 103 19.74 -23.45 12.91
CA GLY B 103 19.90 -22.95 11.55
C GLY B 103 18.65 -22.25 11.06
N VAL B 104 18.76 -20.98 10.71
CA VAL B 104 17.61 -20.14 10.38
C VAL B 104 17.73 -19.69 8.93
N GLY B 105 16.65 -19.82 8.17
CA GLY B 105 16.54 -19.22 6.86
C GLY B 105 15.23 -18.46 6.76
N ALA B 106 15.30 -17.15 6.57
CA ALA B 106 14.11 -16.32 6.66
C ALA B 106 14.05 -15.32 5.51
N LYS B 107 12.82 -14.97 5.12
CA LYS B 107 12.58 -13.95 4.12
C LYS B 107 11.39 -13.11 4.55
N ALA B 108 11.40 -11.83 4.16
CA ALA B 108 10.31 -10.94 4.49
C ALA B 108 10.27 -9.79 3.49
N TYR B 109 9.05 -9.37 3.14
CA TYR B 109 8.88 -8.21 2.27
C TYR B 109 7.68 -7.40 2.73
N GLY B 110 7.71 -6.11 2.40
CA GLY B 110 6.71 -5.16 2.82
C GLY B 110 6.21 -4.20 1.76
N ILE B 111 5.94 -4.67 0.55
CA ILE B 111 5.59 -3.74 -0.53
C ILE B 111 4.29 -3.00 -0.20
N ILE B 112 4.16 -1.79 -0.73
CA ILE B 112 2.98 -0.97 -0.49
C ILE B 112 2.85 0.04 -1.62
N ASN B 113 1.62 0.37 -1.96
CA ASN B 113 1.29 1.49 -2.83
C ASN B 113 0.16 2.26 -2.17
N PRO B 114 0.35 3.55 -1.84
CA PRO B 114 -0.66 4.25 -1.04
C PRO B 114 -2.04 4.28 -1.67
N GLN B 115 -2.14 4.29 -2.99
CA GLN B 115 -3.44 4.37 -3.66
C GLN B 115 -4.11 3.02 -3.85
N ILE B 116 -3.36 1.92 -3.84
CA ILE B 116 -3.92 0.66 -4.30
C ILE B 116 -4.04 -0.36 -3.19
N MET B 117 -2.91 -0.80 -2.64
CA MET B 117 -2.95 -1.96 -1.77
C MET B 117 -1.69 -1.97 -0.91
N SER B 118 -1.71 -2.84 0.09
CA SER B 118 -0.55 -3.18 0.88
C SER B 118 -0.48 -4.70 0.96
N GLN B 119 0.74 -5.23 0.98
CA GLN B 119 0.89 -6.68 0.99
C GLN B 119 2.25 -7.02 1.58
N GLY B 120 2.27 -7.97 2.50
CA GLY B 120 3.51 -8.39 3.12
C GLY B 120 3.51 -9.87 3.38
N GLY B 121 4.70 -10.42 3.61
CA GLY B 121 4.84 -11.83 3.88
C GLY B 121 6.11 -12.14 4.62
N LEU B 122 6.05 -13.15 5.48
CA LEU B 122 7.19 -13.67 6.20
C LEU B 122 7.24 -15.18 6.03
N LYS B 123 8.46 -15.72 6.04
CA LYS B 123 8.62 -17.17 6.00
C LYS B 123 9.96 -17.52 6.64
N THR B 124 9.94 -18.38 7.64
CA THR B 124 11.15 -18.79 8.36
C THR B 124 11.22 -20.30 8.45
N GLN B 125 12.40 -20.85 8.20
CA GLN B 125 12.67 -22.27 8.37
C GLN B 125 13.77 -22.42 9.41
N ILE B 126 13.48 -23.15 10.49
CA ILE B 126 14.40 -23.30 11.59
C ILE B 126 14.73 -24.78 11.76
N THR B 127 16.02 -25.10 11.73
CA THR B 127 16.52 -26.42 12.05
C THR B 127 17.35 -26.34 13.33
N ALA B 128 17.45 -27.48 14.01
CA ALA B 128 18.21 -27.55 15.25
C ALA B 128 19.05 -28.81 15.25
N SER B 129 20.13 -28.78 16.02
CA SER B 129 21.02 -29.92 16.15
C SER B 129 21.38 -30.11 17.62
N ALA B 130 21.67 -31.36 17.98
CA ALA B 130 22.09 -31.69 19.33
C ALA B 130 23.59 -31.51 19.53
N ASP B 131 24.25 -30.75 18.67
CA ASP B 131 25.67 -30.48 18.79
C ASP B 131 25.94 -29.05 18.34
N LEU B 132 27.04 -28.49 18.85
CA LEU B 132 27.40 -27.11 18.51
C LEU B 132 27.79 -26.98 17.05
N SER B 133 28.55 -27.94 16.53
CA SER B 133 29.05 -27.86 15.16
C SER B 133 28.51 -28.95 14.26
N LEU B 134 28.41 -30.18 14.75
CA LEU B 134 27.87 -31.26 13.96
C LEU B 134 26.36 -31.14 13.85
N ASP B 135 25.80 -31.80 12.85
CA ASP B 135 24.36 -31.88 12.65
C ASP B 135 23.89 -33.23 13.21
N VAL B 136 23.41 -33.22 14.45
CA VAL B 136 22.99 -34.43 15.13
C VAL B 136 21.52 -34.29 15.52
N GLY B 137 20.78 -35.38 15.37
CA GLY B 137 19.39 -35.38 15.77
C GLY B 137 18.87 -36.80 15.88
N TYR B 138 17.63 -36.91 16.34
CA TYR B 138 17.01 -38.20 16.60
C TYR B 138 15.68 -38.28 15.86
N PHE B 139 15.31 -39.50 15.49
CA PHE B 139 14.09 -39.71 14.71
C PHE B 139 13.61 -41.14 14.91
N ASN B 140 12.43 -41.42 14.39
CA ASN B 140 11.83 -42.74 14.45
C ASN B 140 12.07 -43.47 13.14
N THR B 141 12.50 -44.72 13.22
CA THR B 141 12.56 -45.54 12.02
C THR B 141 11.18 -45.93 11.52
N GLY B 142 10.15 -45.81 12.37
CA GLY B 142 8.81 -46.20 11.99
C GLY B 142 8.14 -45.23 11.03
N THR B 143 8.56 -43.99 10.98
CA THR B 143 7.98 -43.02 10.06
C THR B 143 8.23 -43.45 8.63
N SER B 144 7.26 -43.18 7.76
CA SER B 144 7.37 -43.58 6.36
C SER B 144 8.34 -42.69 5.61
N GLY B 145 8.86 -43.22 4.50
CA GLY B 145 9.74 -42.48 3.63
C GLY B 145 11.20 -42.84 3.82
N THR B 146 12.04 -42.03 3.20
CA THR B 146 13.48 -42.15 3.37
C THR B 146 13.89 -41.53 4.68
N ILE B 147 15.19 -41.58 4.99
CA ILE B 147 15.69 -40.96 6.21
C ILE B 147 15.45 -39.45 6.22
N PRO B 148 15.76 -38.69 5.15
CA PRO B 148 15.40 -37.27 5.17
C PRO B 148 13.92 -37.03 5.34
N GLN B 149 13.08 -37.88 4.73
CA GLN B 149 11.64 -37.75 4.93
C GLN B 149 11.23 -38.21 6.32
N LYS B 150 11.95 -39.17 6.89
CA LYS B 150 11.70 -39.54 8.28
C LYS B 150 12.02 -38.41 9.23
N LEU B 151 12.96 -37.54 8.86
CA LEU B 151 13.34 -36.43 9.73
C LEU B 151 12.22 -35.42 9.90
N ARG B 152 11.18 -35.47 9.05
CA ARG B 152 10.06 -34.56 9.20
C ARG B 152 9.34 -34.75 10.52
N ASP B 153 9.48 -35.91 11.15
CA ASP B 153 8.93 -36.16 12.47
C ASP B 153 10.01 -36.25 13.54
N GLY B 154 11.28 -36.12 13.16
CA GLY B 154 12.37 -36.12 14.12
C GLY B 154 12.85 -34.72 14.45
N THR B 155 13.90 -34.66 15.27
CA THR B 155 14.43 -33.38 15.69
C THR B 155 15.14 -32.65 14.56
N GLY B 156 15.48 -33.33 13.48
CA GLY B 156 16.17 -32.71 12.37
C GLY B 156 15.29 -32.02 11.36
N CYS B 157 13.99 -31.95 11.60
CA CYS B 157 13.08 -31.30 10.67
C CYS B 157 13.35 -29.82 10.58
N GLN B 158 12.77 -29.18 9.58
CA GLN B 158 12.74 -27.74 9.47
C GLN B 158 11.38 -27.27 9.98
N HIS B 159 11.40 -26.44 11.03
CA HIS B 159 10.17 -25.83 11.53
C HIS B 159 9.88 -24.61 10.67
N MET B 160 8.83 -24.70 9.88
CA MET B 160 8.51 -23.67 8.89
C MET B 160 7.36 -22.81 9.41
N PHE B 161 7.60 -21.51 9.54
CA PHE B 161 6.59 -20.55 9.96
C PHE B 161 6.40 -19.56 8.84
N GLY B 162 5.15 -19.23 8.56
CA GLY B 162 4.83 -18.34 7.46
C GLY B 162 3.63 -17.48 7.76
N ALA B 163 3.68 -16.24 7.29
CA ALA B 163 2.57 -15.31 7.42
C ALA B 163 2.44 -14.53 6.13
N PHE B 164 1.22 -14.33 5.67
CA PHE B 164 0.92 -13.52 4.50
C PHE B 164 -0.27 -12.65 4.82
N SER B 165 -0.19 -11.36 4.49
CA SER B 165 -1.25 -10.43 4.84
C SER B 165 -1.27 -9.28 3.85
N GLY B 166 -2.35 -8.52 3.91
CA GLY B 166 -2.49 -7.34 3.08
C GLY B 166 -3.91 -6.82 3.15
N ARG B 167 -4.11 -5.70 2.45
CA ARG B 167 -5.42 -5.07 2.40
C ARG B 167 -5.45 -4.12 1.21
N ARG B 168 -6.53 -4.15 0.45
CA ARG B 168 -6.70 -3.28 -0.71
C ARG B 168 -7.40 -2.01 -0.25
N GLY B 169 -6.68 -0.91 -0.27
CA GLY B 169 -7.24 0.35 0.18
C GLY B 169 -6.20 1.44 0.16
N PHE B 170 -6.57 2.59 0.69
CA PHE B 170 -5.70 3.76 0.72
C PHE B 170 -4.84 3.74 1.98
N ALA B 171 -3.55 4.02 1.79
CA ALA B 171 -2.61 4.21 2.90
C ALA B 171 -2.61 3.00 3.83
N SER B 172 -2.69 1.81 3.25
CA SER B 172 -2.81 0.59 4.03
C SER B 172 -1.46 0.18 4.58
N SER B 173 -1.45 -0.32 5.81
CA SER B 173 -0.25 -0.83 6.46
C SER B 173 -0.35 -2.33 6.74
N ALA B 174 -1.27 -3.02 6.08
CA ALA B 174 -1.56 -4.40 6.39
C ALA B 174 -0.44 -5.33 5.95
N MET B 175 0.66 -4.79 5.45
CA MET B 175 1.85 -5.58 5.23
C MET B 175 2.36 -6.15 6.54
N TYR B 176 2.16 -5.42 7.64
CA TYR B 176 2.66 -5.79 8.95
C TYR B 176 1.65 -6.60 9.77
N LEU B 177 0.43 -6.77 9.27
CA LEU B 177 -0.55 -7.55 10.02
C LEU B 177 -0.13 -9.01 10.12
N GLY B 178 0.48 -9.56 9.06
CA GLY B 178 0.95 -10.93 9.13
C GLY B 178 2.02 -11.12 10.18
N GLY B 179 2.93 -10.15 10.30
CA GLY B 179 3.92 -10.21 11.36
C GLY B 179 3.31 -10.07 12.74
N ALA B 180 2.28 -9.23 12.87
CA ALA B 180 1.59 -9.11 14.15
C ALA B 180 0.88 -10.40 14.52
N ALA B 181 0.36 -11.13 13.53
CA ALA B 181 -0.33 -12.39 13.80
C ALA B 181 0.63 -13.53 14.08
N LEU B 182 1.77 -13.58 13.37
CA LEU B 182 2.67 -14.70 13.54
C LEU B 182 3.41 -14.65 14.87
N TYR B 183 3.73 -13.45 15.34
CA TYR B 183 4.56 -13.28 16.53
C TYR B 183 3.75 -12.65 17.66
N LYS B 184 3.99 -13.14 18.88
CA LYS B 184 3.36 -12.59 20.07
C LYS B 184 4.27 -11.51 20.63
N SER B 185 3.83 -10.26 20.57
CA SER B 185 4.64 -9.13 21.00
C SER B 185 3.82 -8.23 21.91
N ALA B 186 4.46 -7.70 22.95
CA ALA B 186 3.84 -6.72 23.83
C ALA B 186 4.29 -5.30 23.54
N TRP B 187 4.95 -5.05 22.42
CA TRP B 187 5.57 -3.77 22.15
C TRP B 187 4.59 -2.83 21.44
N SER B 188 4.66 -1.56 21.84
CA SER B 188 3.75 -0.53 21.35
C SER B 188 4.38 0.14 20.13
N GLY B 189 3.96 -0.29 18.94
CA GLY B 189 4.50 0.25 17.71
C GLY B 189 3.50 0.38 16.59
N SER B 190 3.78 -0.29 15.47
CA SER B 190 2.89 -0.27 14.33
C SER B 190 1.52 -0.80 14.73
N GLY B 191 0.48 -0.21 14.13
CA GLY B 191 -0.88 -0.37 14.57
C GLY B 191 -1.39 -1.76 14.88
N TYR B 192 -0.91 -2.79 14.19
CA TYR B 192 -1.59 -4.06 14.27
C TYR B 192 -1.16 -4.89 15.47
N VAL B 193 -2.15 -5.32 16.24
CA VAL B 193 -1.99 -6.34 17.29
C VAL B 193 -3.11 -7.35 17.12
N VAL B 194 -2.77 -8.63 17.24
CA VAL B 194 -3.72 -9.71 17.04
C VAL B 194 -3.83 -10.50 18.33
N ALA B 195 -5.07 -10.76 18.76
CA ALA B 195 -5.30 -11.55 19.96
C ALA B 195 -4.97 -13.02 19.70
N ASP B 196 -4.84 -13.77 20.80
CA ASP B 196 -4.49 -15.18 20.69
C ASP B 196 -5.56 -15.97 19.95
N ALA B 197 -6.83 -15.66 20.19
CA ALA B 197 -7.91 -16.35 19.50
C ALA B 197 -7.99 -15.98 18.02
N GLY B 198 -7.36 -14.88 17.62
CA GLY B 198 -7.42 -14.43 16.25
C GLY B 198 -6.25 -14.85 15.38
N THR B 199 -5.43 -15.78 15.84
CA THR B 199 -4.27 -16.23 15.07
C THR B 199 -4.04 -17.71 15.39
N LEU B 200 -2.89 -18.22 14.97
CA LEU B 200 -2.54 -19.62 15.12
C LEU B 200 -1.55 -19.77 16.27
N THR B 201 -1.83 -20.71 17.17
CA THR B 201 -0.88 -21.10 18.20
C THR B 201 -0.46 -22.55 17.92
N ILE B 202 0.83 -22.81 18.05
CA ILE B 202 1.39 -24.12 17.75
C ILE B 202 1.56 -24.86 19.09
N PRO B 203 0.95 -26.03 19.25
CA PRO B 203 1.17 -26.80 20.48
C PRO B 203 2.63 -27.19 20.63
N SER B 204 3.06 -27.31 21.88
CA SER B 204 4.48 -27.61 22.14
C SER B 204 4.89 -28.95 21.57
N ASP B 205 3.96 -29.88 21.42
CA ASP B 205 4.30 -31.20 20.87
C ASP B 205 4.38 -31.20 19.35
N TYR B 206 4.05 -30.10 18.69
CA TYR B 206 4.18 -30.02 17.24
C TYR B 206 5.58 -29.61 16.80
N VAL B 207 6.44 -29.21 17.72
CA VAL B 207 7.82 -28.86 17.42
C VAL B 207 8.73 -29.94 17.96
N ARG B 208 9.92 -30.05 17.37
CA ARG B 208 10.86 -31.13 17.67
C ARG B 208 12.20 -30.56 18.11
N HIS B 209 12.37 -30.40 19.42
CA HIS B 209 13.64 -29.99 19.99
C HIS B 209 14.63 -31.16 19.97
N PRO B 210 15.92 -30.90 19.76
CA PRO B 210 16.89 -32.01 19.76
C PRO B 210 16.88 -32.82 21.04
N GLY B 211 16.69 -32.19 22.18
CA GLY B 211 16.68 -32.88 23.45
C GLY B 211 15.31 -33.29 23.92
N ALA B 212 14.33 -33.30 23.02
CA ALA B 212 12.99 -33.74 23.38
C ALA B 212 12.99 -35.22 23.71
N ARG B 213 12.35 -35.58 24.81
CA ARG B 213 12.40 -36.94 25.33
C ARG B 213 11.07 -37.66 25.30
N ASN B 214 10.00 -37.03 24.80
CA ASN B 214 8.67 -37.58 24.90
C ASN B 214 8.16 -38.16 23.59
N PHE B 215 8.95 -38.14 22.52
CA PHE B 215 8.49 -38.63 21.22
C PHE B 215 8.97 -40.05 20.93
N GLY B 216 9.68 -40.68 21.85
CA GLY B 216 10.08 -42.07 21.68
C GLY B 216 10.96 -42.31 20.46
N PHE B 217 11.95 -41.45 20.25
CA PHE B 217 12.88 -41.65 19.14
C PHE B 217 13.70 -42.92 19.37
N ASN B 218 13.97 -43.63 18.29
CA ASN B 218 14.76 -44.85 18.37
C ASN B 218 15.92 -44.87 17.37
N ALA B 219 16.19 -43.77 16.69
CA ALA B 219 17.28 -43.71 15.73
C ALA B 219 18.00 -42.38 15.89
N ILE B 220 19.26 -42.36 15.45
CA ILE B 220 20.09 -41.18 15.48
C ILE B 220 20.66 -40.96 14.09
N TYR B 221 20.85 -39.70 13.73
CA TYR B 221 21.57 -39.31 12.53
C TYR B 221 22.66 -38.32 12.92
N VAL B 222 23.71 -38.25 12.13
CA VAL B 222 24.80 -37.31 12.36
C VAL B 222 25.46 -37.01 11.02
N ARG B 223 25.83 -35.75 10.83
CA ARG B 223 26.55 -35.32 9.64
C ARG B 223 27.75 -34.49 10.05
N GLY B 224 28.76 -34.48 9.20
CA GLY B 224 29.91 -33.61 9.38
C GLY B 224 29.65 -32.24 8.80
N ARG B 225 28.43 -31.73 9.01
CA ARG B 225 28.03 -30.42 8.51
C ARG B 225 27.26 -29.71 9.61
N SER B 226 26.84 -28.48 9.31
CA SER B 226 26.00 -27.71 10.21
C SER B 226 24.53 -27.88 9.83
N CYS B 227 23.65 -27.33 10.65
CA CYS B 227 22.22 -27.40 10.38
C CYS B 227 21.90 -26.74 9.04
N ASN B 228 20.99 -27.35 8.29
CA ASN B 228 20.53 -26.77 7.04
C ASN B 228 19.80 -25.46 7.33
N ARG B 229 20.29 -24.37 6.75
CA ARG B 229 19.55 -23.11 6.72
C ARG B 229 18.78 -23.08 5.42
N VAL B 230 17.53 -23.53 5.47
CA VAL B 230 16.69 -23.56 4.27
C VAL B 230 16.19 -22.16 3.99
N LEU B 231 16.60 -21.60 2.86
CA LEU B 231 16.23 -20.25 2.44
C LEU B 231 15.35 -20.39 1.20
N TYR B 232 14.04 -20.48 1.41
CA TYR B 232 13.11 -20.62 0.29
C TYR B 232 11.79 -19.99 0.67
N GLY B 233 11.21 -19.23 -0.25
CA GLY B 233 9.89 -18.66 -0.05
C GLY B 233 9.91 -17.42 0.83
N MET B 234 8.89 -16.59 0.68
CA MET B 234 8.80 -15.35 1.45
C MET B 234 7.39 -15.10 1.96
N GLU B 235 6.49 -16.06 1.78
CA GLU B 235 5.08 -15.88 2.12
C GLU B 235 4.53 -17.12 2.81
N GLY B 236 3.50 -16.92 3.60
CA GLY B 236 2.78 -17.99 4.24
C GLY B 236 1.70 -18.55 3.34
N PRO B 237 0.75 -19.29 3.92
CA PRO B 237 -0.27 -19.93 3.10
C PRO B 237 -1.19 -18.93 2.41
N ASN B 238 -1.59 -19.28 1.19
CA ASN B 238 -2.55 -18.50 0.44
C ASN B 238 -3.94 -18.74 1.01
N TYR B 239 -4.68 -17.66 1.26
CA TYR B 239 -5.99 -17.79 1.88
C TYR B 239 -7.07 -18.27 0.93
N THR B 240 -6.81 -18.27 -0.38
CA THR B 240 -7.76 -18.79 -1.34
C THR B 240 -7.52 -20.25 -1.70
N THR B 241 -6.58 -20.90 -1.04
CA THR B 241 -6.24 -22.30 -1.31
C THR B 241 -6.50 -23.12 -0.04
N GLY B 242 -6.10 -24.38 -0.09
CA GLY B 242 -6.25 -25.25 1.06
C GLY B 242 -5.17 -25.13 2.11
N GLY B 243 -4.14 -24.32 1.87
CA GLY B 243 -3.05 -24.20 2.80
C GLY B 243 -2.09 -25.36 2.82
N ALA B 244 -2.16 -26.25 1.83
CA ALA B 244 -1.31 -27.43 1.82
C ALA B 244 0.14 -27.05 1.59
N VAL B 245 1.04 -27.90 2.07
CA VAL B 245 2.48 -27.71 1.93
C VAL B 245 2.99 -28.59 0.79
N GLN B 246 3.67 -27.96 -0.16
CA GLN B 246 4.22 -28.66 -1.31
C GLN B 246 5.73 -28.76 -1.18
N GLY B 247 6.31 -29.70 -1.90
CA GLY B 247 7.74 -29.91 -1.87
C GLY B 247 8.15 -31.02 -0.93
N ALA B 248 8.77 -30.65 0.19
CA ALA B 248 9.26 -31.65 1.14
C ALA B 248 8.11 -32.38 1.81
N SER B 249 8.38 -33.60 2.23
CA SER B 249 7.41 -34.35 3.02
C SER B 249 7.13 -33.62 4.31
N SER B 250 5.85 -33.35 4.56
CA SER B 250 5.44 -32.46 5.63
C SER B 250 4.66 -33.21 6.69
N SER B 251 4.67 -32.65 7.90
CA SER B 251 3.91 -33.21 9.00
C SER B 251 3.65 -32.11 10.02
N GLY B 252 2.66 -32.35 10.86
CA GLY B 252 2.31 -31.36 11.88
C GLY B 252 1.87 -30.04 11.31
N ALA B 253 1.22 -30.07 10.14
CA ALA B 253 0.84 -28.84 9.47
C ALA B 253 -0.34 -28.19 10.17
N LEU B 254 -0.18 -26.92 10.52
CA LEU B 254 -1.25 -26.10 11.08
C LEU B 254 -1.28 -24.79 10.34
N ASN B 255 -2.47 -24.22 10.19
CA ASN B 255 -2.57 -22.90 9.59
C ASN B 255 -3.86 -22.22 10.04
N PHE B 256 -3.80 -20.90 10.18
CA PHE B 256 -4.96 -20.08 10.47
C PHE B 256 -5.15 -19.08 9.34
N THR B 257 -6.40 -18.82 8.99
CA THR B 257 -6.72 -17.93 7.89
C THR B 257 -7.85 -17.00 8.31
N TYR B 258 -7.66 -15.72 8.06
CA TYR B 258 -8.69 -14.70 8.29
C TYR B 258 -9.04 -14.10 6.93
N ASN B 259 -10.12 -14.60 6.33
CA ASN B 259 -10.51 -14.23 4.97
C ASN B 259 -11.98 -13.82 4.98
N PRO B 260 -12.28 -12.60 5.44
CA PRO B 260 -13.68 -12.16 5.50
C PRO B 260 -14.23 -11.89 4.11
N SER B 261 -15.57 -11.91 4.04
CA SER B 261 -16.26 -11.56 2.81
C SER B 261 -16.26 -10.05 2.55
N ASN B 262 -15.90 -9.25 3.54
CA ASN B 262 -15.85 -7.81 3.37
C ASN B 262 -14.59 -7.43 2.60
N PRO B 263 -14.69 -6.79 1.44
CA PRO B 263 -13.48 -6.42 0.70
C PRO B 263 -12.64 -5.36 1.37
N GLU B 264 -13.17 -4.64 2.36
CA GLU B 264 -12.41 -3.61 3.04
C GLU B 264 -11.61 -4.14 4.21
N SER B 265 -11.95 -5.33 4.70
CA SER B 265 -11.20 -5.89 5.81
C SER B 265 -9.83 -6.37 5.34
N PRO B 266 -8.80 -6.24 6.16
CA PRO B 266 -7.53 -6.88 5.83
C PRO B 266 -7.65 -8.39 5.95
N LYS B 267 -6.86 -9.08 5.14
CA LYS B 267 -6.82 -10.53 5.15
C LYS B 267 -5.41 -11.00 5.48
N TYR B 268 -5.31 -12.04 6.30
CA TYR B 268 -4.01 -12.58 6.64
C TYR B 268 -4.13 -14.08 6.87
N SER B 269 -3.02 -14.78 6.69
CA SER B 269 -2.94 -16.21 6.93
C SER B 269 -1.62 -16.51 7.62
N VAL B 270 -1.66 -17.44 8.57
CA VAL B 270 -0.50 -17.89 9.33
C VAL B 270 -0.43 -19.40 9.21
N GLY B 271 0.75 -19.93 8.96
CA GLY B 271 0.91 -21.37 8.77
C GLY B 271 2.14 -21.89 9.48
N PHE B 272 2.06 -23.15 9.88
CA PHE B 272 3.19 -23.86 10.44
C PHE B 272 3.24 -25.26 9.84
N ALA B 273 4.45 -25.77 9.63
CA ALA B 273 4.60 -27.14 9.16
C ALA B 273 6.01 -27.61 9.45
N ARG B 274 6.13 -28.87 9.86
CA ARG B 274 7.42 -29.55 9.90
C ARG B 274 7.64 -30.24 8.57
N ALA B 275 8.84 -30.10 8.03
CA ALA B 275 9.13 -30.64 6.71
C ALA B 275 10.48 -31.33 6.70
N ASP B 276 10.71 -32.07 5.64
CA ASP B 276 12.00 -32.72 5.42
C ASP B 276 13.06 -31.65 5.21
N PRO B 277 14.15 -31.66 5.98
CA PRO B 277 15.13 -30.56 5.90
C PRO B 277 15.92 -30.50 4.61
N THR B 278 15.87 -31.53 3.78
CA THR B 278 16.71 -31.58 2.58
C THR B 278 16.05 -30.96 1.36
N ASN B 279 14.77 -30.61 1.43
CA ASN B 279 14.04 -30.13 0.28
C ASN B 279 13.39 -28.80 0.60
N TYR B 280 13.04 -28.06 -0.46
CA TYR B 280 12.32 -26.80 -0.30
C TYR B 280 10.87 -27.11 0.03
N ALA B 281 10.39 -26.60 1.17
CA ALA B 281 9.00 -26.71 1.54
C ALA B 281 8.35 -25.34 1.43
N TYR B 282 7.18 -25.30 0.80
CA TYR B 282 6.45 -24.04 0.62
C TYR B 282 4.97 -24.35 0.62
N TRP B 283 4.18 -23.32 0.85
CA TRP B 283 2.74 -23.50 0.85
C TRP B 283 2.20 -23.44 -0.58
N GLU B 284 1.00 -23.98 -0.74
CA GLU B 284 0.39 -24.09 -2.06
C GLU B 284 0.21 -22.73 -2.70
N SER B 285 0.63 -22.61 -3.96
CA SER B 285 0.54 -21.39 -4.75
C SER B 285 1.34 -20.24 -4.15
N MET B 286 2.36 -20.56 -3.34
CA MET B 286 3.14 -19.54 -2.64
C MET B 286 4.62 -19.85 -2.75
N GLY B 287 5.04 -20.38 -3.90
CA GLY B 287 6.44 -20.74 -4.07
C GLY B 287 7.33 -19.53 -4.26
N ASP B 288 8.63 -19.80 -4.22
CA ASP B 288 9.64 -18.75 -4.30
C ASP B 288 10.10 -18.56 -5.73
N PRO B 289 9.99 -17.37 -6.30
CA PRO B 289 10.65 -17.09 -7.58
C PRO B 289 12.13 -16.84 -7.34
N ASN B 290 12.97 -17.56 -8.07
CA ASN B 290 14.40 -17.40 -7.88
C ASN B 290 14.87 -16.18 -8.67
N ASP B 291 14.34 -15.01 -8.35
CA ASP B 291 14.59 -13.78 -9.08
C ASP B 291 15.31 -12.78 -8.18
N SER B 292 15.68 -11.65 -8.78
CA SER B 292 16.50 -10.67 -8.07
C SER B 292 15.74 -9.98 -6.96
N ALA B 293 14.44 -9.76 -7.15
CA ALA B 293 13.66 -9.02 -6.16
C ALA B 293 13.58 -9.76 -4.83
N ASN B 294 13.57 -11.09 -4.86
CA ASN B 294 13.32 -11.89 -3.67
C ASN B 294 14.57 -12.59 -3.16
N GLY B 295 15.74 -12.30 -3.72
CA GLY B 295 16.98 -12.87 -3.25
C GLY B 295 17.16 -14.30 -3.71
N PRO B 296 18.19 -14.95 -3.21
CA PRO B 296 18.52 -16.31 -3.65
C PRO B 296 17.70 -17.35 -2.90
N ILE B 297 17.88 -18.61 -3.31
CA ILE B 297 17.33 -19.76 -2.61
C ILE B 297 18.45 -20.77 -2.43
N GLY B 298 18.28 -21.64 -1.45
CA GLY B 298 19.24 -22.71 -1.28
C GLY B 298 19.09 -23.41 0.05
N ILE B 299 19.88 -24.46 0.21
CA ILE B 299 20.02 -25.19 1.46
C ILE B 299 21.47 -25.02 1.90
N TYR B 300 21.68 -24.29 2.98
CA TYR B 300 23.01 -23.88 3.39
C TYR B 300 23.48 -24.69 4.59
N SER B 301 24.69 -25.25 4.49
CA SER B 301 25.26 -26.06 5.55
C SER B 301 26.77 -26.12 5.36
N GLU B 302 27.51 -25.58 6.32
CA GLU B 302 28.96 -25.52 6.21
C GLU B 302 29.57 -26.87 6.54
N HIS B 303 30.30 -27.44 5.59
CA HIS B 303 30.92 -28.73 5.81
C HIS B 303 32.15 -28.59 6.70
N LEU B 304 32.52 -29.69 7.35
CA LEU B 304 33.67 -29.73 8.24
C LEU B 304 34.81 -30.59 7.70
N GLY B 305 34.61 -31.27 6.58
CA GLY B 305 35.64 -32.13 6.04
C GLY B 305 35.80 -33.47 6.72
N ILE B 306 34.87 -33.85 7.60
CA ILE B 306 34.93 -35.11 8.32
C ILE B 306 33.62 -35.85 8.12
N TYR B 307 33.70 -37.18 8.10
CA TYR B 307 32.57 -38.04 7.84
C TYR B 307 32.41 -39.03 8.98
N PRO B 308 31.26 -39.04 9.67
CA PRO B 308 31.11 -39.94 10.81
C PRO B 308 31.09 -41.40 10.40
N SER B 309 31.58 -42.24 11.30
CA SER B 309 31.60 -43.67 11.04
C SER B 309 31.16 -44.53 12.22
N LYS B 310 31.08 -43.99 13.42
CA LYS B 310 30.69 -44.77 14.59
C LYS B 310 30.21 -43.83 15.69
N ILE B 311 29.22 -44.27 16.45
CA ILE B 311 28.69 -43.52 17.58
C ILE B 311 28.78 -44.39 18.83
N THR B 312 29.27 -43.80 19.92
CA THR B 312 29.38 -44.47 21.20
C THR B 312 28.62 -43.70 22.26
N TRP B 313 27.89 -44.42 23.10
CA TRP B 313 27.17 -43.83 24.22
C TRP B 313 27.82 -44.26 25.52
N TYR B 314 28.18 -43.29 26.35
CA TYR B 314 28.82 -43.55 27.64
C TYR B 314 27.79 -43.28 28.73
N VAL B 315 27.15 -44.33 29.20
CA VAL B 315 26.15 -44.20 30.26
C VAL B 315 26.87 -44.05 31.59
N THR B 316 26.64 -42.93 32.26
CA THR B 316 27.29 -42.62 33.53
C THR B 316 26.30 -42.79 34.68
N ASN B 317 26.82 -42.63 35.89
CA ASN B 317 26.00 -42.71 37.09
C ASN B 317 25.47 -41.35 37.53
N LEU B 318 25.70 -40.31 36.74
CA LEU B 318 25.18 -38.98 37.05
C LEU B 318 23.70 -38.93 36.70
N VAL B 319 22.87 -38.59 37.67
CA VAL B 319 21.43 -38.49 37.48
C VAL B 319 21.00 -37.09 37.84
N TYR B 320 20.52 -36.35 36.84
CA TYR B 320 20.04 -34.99 37.06
C TYR B 320 18.76 -35.03 37.89
N ASN B 321 18.65 -34.12 38.86
CA ASN B 321 17.54 -34.14 39.81
C ASN B 321 16.83 -32.79 39.89
N GLY B 322 16.71 -32.10 38.77
CA GLY B 322 16.00 -30.83 38.76
C GLY B 322 16.84 -29.64 39.14
N SER B 323 17.64 -29.78 40.20
CA SER B 323 18.51 -28.70 40.66
C SER B 323 19.99 -29.01 40.54
N GLY B 324 20.41 -30.24 40.73
CA GLY B 324 21.79 -30.64 40.59
C GLY B 324 21.89 -32.02 40.00
N TYR B 325 22.89 -32.78 40.44
CA TYR B 325 23.07 -34.15 39.99
C TYR B 325 23.32 -35.05 41.18
N ASN B 326 22.80 -36.26 41.09
CA ASN B 326 22.99 -37.28 42.12
C ASN B 326 23.79 -38.42 41.53
N ILE B 327 24.84 -38.83 42.23
CA ILE B 327 25.58 -40.02 41.84
C ILE B 327 24.75 -41.24 42.25
N ASP B 328 24.24 -41.96 41.25
CA ASP B 328 23.42 -43.14 41.47
C ASP B 328 23.95 -44.26 40.60
N GLY B 329 24.49 -45.30 41.22
CA GLY B 329 25.03 -46.43 40.50
C GLY B 329 26.55 -46.40 40.44
N GLY B 330 27.10 -47.52 39.97
CA GLY B 330 28.54 -47.67 39.91
C GLY B 330 29.20 -47.64 41.27
N LEU B 331 28.54 -48.19 42.28
CA LEU B 331 29.11 -48.21 43.63
C LEU B 331 30.27 -49.19 43.69
N PHE B 332 31.30 -48.82 44.45
CA PHE B 332 32.48 -49.66 44.60
C PHE B 332 32.23 -50.80 45.57
N ASN B 353 34.12 -52.53 38.79
CA ASN B 353 33.63 -53.77 38.21
C ASN B 353 34.08 -53.90 36.76
N THR B 354 33.57 -54.92 36.08
CA THR B 354 33.96 -55.16 34.68
C THR B 354 33.40 -54.07 33.79
N SER B 355 34.20 -53.66 32.79
CA SER B 355 33.76 -52.70 31.77
C SER B 355 33.26 -51.40 32.40
N TRP B 356 33.95 -50.94 33.43
CA TRP B 356 33.58 -49.72 34.15
C TRP B 356 34.65 -48.67 33.86
N LYS B 357 34.41 -47.86 32.83
CA LYS B 357 35.36 -46.83 32.47
C LYS B 357 35.32 -45.67 33.45
N PHE B 358 36.44 -44.98 33.56
CA PHE B 358 36.52 -43.76 34.36
C PHE B 358 36.66 -42.56 33.45
N ILE B 359 36.34 -41.39 33.99
CA ILE B 359 36.41 -40.13 33.27
C ILE B 359 37.36 -39.22 34.02
N ASN B 360 38.24 -38.53 33.30
CA ASN B 360 39.18 -37.62 33.92
C ASN B 360 39.61 -36.57 32.89
N PHE B 361 40.11 -35.45 33.40
CA PHE B 361 40.61 -34.34 32.58
C PHE B 361 42.10 -34.22 32.86
N ILE B 362 42.91 -34.94 32.08
CA ILE B 362 44.36 -34.88 32.23
C ILE B 362 44.85 -33.56 31.68
N GLU B 363 45.69 -32.87 32.45
CA GLU B 363 46.24 -31.57 32.05
C GLU B 363 47.50 -31.75 31.20
N LYS B 364 47.37 -32.57 30.16
CA LYS B 364 48.47 -32.87 29.24
C LYS B 364 49.69 -33.42 29.98
N ALA B 372 48.51 -43.04 26.41
CA ALA B 372 48.54 -44.26 25.61
C ALA B 372 47.27 -45.09 25.83
N ASP B 373 47.10 -45.59 27.05
CA ASP B 373 45.91 -46.37 27.38
C ASP B 373 44.66 -45.50 27.46
N PHE B 374 44.81 -44.20 27.69
CA PHE B 374 43.66 -43.31 27.74
C PHE B 374 43.09 -43.09 26.34
N ARG B 375 41.77 -43.15 26.24
CA ARG B 375 41.07 -42.74 25.02
C ARG B 375 40.65 -41.29 25.21
N ASP B 376 41.41 -40.38 24.60
CA ASP B 376 41.08 -38.97 24.71
C ASP B 376 40.00 -38.60 23.70
N VAL B 377 39.04 -37.80 24.15
CA VAL B 377 37.90 -37.40 23.34
C VAL B 377 37.72 -35.90 23.48
N GLY B 378 37.78 -35.19 22.35
CA GLY B 378 37.60 -33.75 22.38
C GLY B 378 36.17 -33.40 22.74
N CYS B 379 35.99 -32.61 23.80
CA CYS B 379 34.66 -32.31 24.31
C CYS B 379 34.14 -30.94 23.87
N ASN B 380 34.86 -29.87 24.21
CA ASN B 380 34.38 -28.53 23.94
C ASN B 380 35.52 -27.67 23.41
N LEU B 381 35.17 -26.44 23.05
CA LEU B 381 36.09 -25.47 22.50
C LEU B 381 36.34 -24.38 23.53
N SER B 382 37.51 -23.75 23.44
CA SER B 382 37.83 -22.61 24.29
C SER B 382 38.55 -21.56 23.45
N LYS B 383 38.17 -20.30 23.62
CA LYS B 383 38.75 -19.19 22.91
C LYS B 383 39.00 -18.06 23.89
N ASP B 384 40.01 -17.24 23.61
CA ASP B 384 40.36 -16.15 24.52
C ASP B 384 39.39 -14.98 24.40
N SER B 385 38.80 -14.78 23.23
CA SER B 385 37.88 -13.67 23.03
C SER B 385 36.54 -14.17 22.50
N PRO B 386 35.43 -13.59 22.96
CA PRO B 386 34.13 -14.03 22.44
C PRO B 386 33.92 -13.67 20.98
N SER B 387 34.54 -12.59 20.50
CA SER B 387 34.42 -12.23 19.10
C SER B 387 35.09 -13.28 18.21
N THR B 388 34.40 -13.66 17.15
CA THR B 388 34.89 -14.66 16.21
C THR B 388 35.75 -14.07 15.10
N GLY B 389 35.82 -12.75 14.98
CA GLY B 389 36.56 -12.17 13.88
C GLY B 389 35.87 -12.28 12.54
N ILE B 390 34.60 -12.68 12.52
CA ILE B 390 33.86 -12.87 11.28
C ILE B 390 32.69 -11.89 11.28
N SER B 391 32.27 -11.49 10.09
CA SER B 391 31.05 -10.73 9.88
C SER B 391 30.17 -11.56 8.96
N GLY B 392 29.23 -12.29 9.55
CA GLY B 392 28.35 -13.16 8.79
C GLY B 392 28.23 -14.53 9.39
N ILE B 393 28.42 -15.56 8.57
CA ILE B 393 28.32 -16.95 9.03
C ILE B 393 29.66 -17.33 9.68
N ALA B 394 29.64 -17.52 11.00
CA ALA B 394 30.81 -17.93 11.75
C ALA B 394 30.68 -19.41 12.07
N THR B 395 31.57 -20.22 11.51
CA THR B 395 31.54 -21.67 11.69
C THR B 395 32.65 -22.07 12.65
N PHE B 396 32.29 -22.74 13.73
CA PHE B 396 33.26 -23.25 14.68
C PHE B 396 33.73 -24.62 14.24
N GLY B 397 35.04 -24.81 14.17
CA GLY B 397 35.58 -26.10 13.85
C GLY B 397 35.29 -27.10 14.95
N LEU B 398 35.24 -28.37 14.57
CA LEU B 398 34.90 -29.41 15.53
C LEU B 398 36.10 -29.72 16.41
N PRO B 399 35.97 -29.64 17.73
CA PRO B 399 37.07 -30.09 18.59
C PRO B 399 37.13 -31.60 18.66
N THR B 400 38.08 -32.20 17.95
CA THR B 400 38.24 -33.64 17.91
C THR B 400 39.56 -34.04 18.53
N THR B 401 39.75 -35.34 18.66
CA THR B 401 41.00 -35.92 19.12
C THR B 401 41.42 -37.00 18.15
N GLU B 402 42.64 -36.91 17.64
CA GLU B 402 43.12 -37.89 16.68
C GLU B 402 43.24 -39.27 17.33
N SER B 403 43.56 -40.26 16.50
CA SER B 403 43.72 -41.62 17.01
C SER B 403 44.87 -41.75 17.99
N ASN B 404 45.83 -40.83 17.96
CA ASN B 404 46.97 -40.84 18.88
C ASN B 404 46.79 -39.85 20.02
N ASN B 405 45.54 -39.55 20.38
CA ASN B 405 45.20 -38.68 21.50
C ASN B 405 45.70 -37.25 21.30
N ALA B 406 45.78 -36.80 20.06
CA ALA B 406 46.25 -35.46 19.76
C ALA B 406 45.07 -34.55 19.48
N PRO B 407 44.80 -33.55 20.32
CA PRO B 407 43.66 -32.66 20.05
C PRO B 407 43.86 -31.85 18.78
N SER B 408 42.76 -31.60 18.08
CA SER B 408 42.79 -30.83 16.85
C SER B 408 41.41 -30.26 16.59
N ILE B 409 41.36 -29.25 15.72
CA ILE B 409 40.12 -28.62 15.30
C ILE B 409 39.90 -28.97 13.84
N LYS B 410 38.73 -29.54 13.54
CA LYS B 410 38.39 -29.98 12.19
C LYS B 410 37.39 -29.00 11.58
N GLY B 411 37.80 -28.37 10.48
CA GLY B 411 36.92 -27.49 9.76
C GLY B 411 36.76 -26.13 10.42
N GLY B 412 35.72 -25.41 10.01
CA GLY B 412 35.39 -24.13 10.58
C GLY B 412 36.21 -22.99 10.00
N ASN B 413 35.86 -21.77 10.42
CA ASN B 413 36.57 -20.58 10.00
C ASN B 413 36.89 -19.64 11.15
N VAL B 414 36.57 -20.02 12.38
CA VAL B 414 36.88 -19.20 13.55
C VAL B 414 38.26 -19.57 14.04
N GLY B 415 39.12 -18.56 14.24
CA GLY B 415 40.46 -18.78 14.69
C GLY B 415 40.62 -18.59 16.20
N GLY B 416 41.78 -18.97 16.70
CA GLY B 416 42.08 -18.85 18.11
C GLY B 416 41.45 -19.90 19.00
N LEU B 417 40.99 -21.01 18.44
CA LEU B 417 40.29 -22.04 19.19
C LEU B 417 41.27 -23.04 19.77
N HIS B 418 40.90 -23.62 20.91
CA HIS B 418 41.66 -24.70 21.53
C HIS B 418 40.74 -25.89 21.78
N ALA B 419 41.25 -27.09 21.53
CA ALA B 419 40.46 -28.31 21.69
C ALA B 419 40.63 -28.81 23.11
N ASN B 420 39.54 -28.79 23.89
CA ASN B 420 39.53 -29.39 25.21
C ASN B 420 39.11 -30.84 25.10
N VAL B 421 39.79 -31.71 25.85
CA VAL B 421 39.60 -33.15 25.71
C VAL B 421 39.30 -33.77 27.07
N VAL B 422 38.61 -34.91 27.01
CA VAL B 422 38.33 -35.73 28.18
C VAL B 422 39.12 -37.02 28.02
N SER B 423 39.39 -37.68 29.16
CA SER B 423 40.10 -38.95 29.16
C SER B 423 39.15 -40.02 29.67
N ILE B 424 38.96 -41.06 28.87
CA ILE B 424 38.12 -42.20 29.25
C ILE B 424 39.01 -43.43 29.31
N TYR B 425 39.21 -43.96 30.51
CA TYR B 425 40.08 -45.10 30.74
C TYR B 425 39.40 -46.08 31.67
N ASN B 426 39.77 -47.35 31.57
CA ASN B 426 39.18 -48.39 32.40
C ASN B 426 40.24 -49.04 33.29
N PRO B 456 38.22 -41.51 39.22
CA PRO B 456 38.20 -40.19 39.85
C PRO B 456 37.24 -39.22 39.18
N LEU B 457 37.60 -37.93 39.18
CA LEU B 457 36.70 -36.87 38.72
C LEU B 457 35.35 -36.97 39.41
N ARG B 458 35.38 -37.09 40.72
CA ARG B 458 34.17 -37.28 41.50
C ARG B 458 33.33 -36.01 41.54
N LEU B 459 32.06 -36.18 41.91
CA LEU B 459 31.19 -35.02 42.07
C LEU B 459 31.64 -34.18 43.26
N LEU B 460 31.59 -32.87 43.06
CA LEU B 460 31.88 -31.92 44.12
C LEU B 460 30.58 -31.23 44.51
N GLY B 461 30.23 -31.30 45.79
CA GLY B 461 29.00 -30.70 46.28
C GLY B 461 28.90 -29.23 45.94
N GLY B 462 27.69 -28.69 45.98
CA GLY B 462 27.52 -27.32 45.54
C GLY B 462 26.52 -27.20 44.41
N SER B 463 27.03 -26.94 43.20
CA SER B 463 26.25 -26.74 41.99
C SER B 463 25.59 -25.37 41.98
N GLY B 464 25.01 -24.99 40.85
CA GLY B 464 24.37 -23.71 40.71
C GLY B 464 23.60 -23.63 39.41
N SER B 465 22.64 -22.73 39.32
CA SER B 465 21.79 -22.67 38.15
C SER B 465 21.39 -21.24 37.85
N THR B 466 20.97 -21.02 36.61
CA THR B 466 20.36 -19.75 36.22
C THR B 466 19.49 -20.01 35.00
N ILE B 467 18.57 -19.09 34.76
CA ILE B 467 17.72 -19.14 33.58
C ILE B 467 18.08 -17.98 32.68
N LEU B 468 18.60 -18.28 31.49
CA LEU B 468 18.94 -17.26 30.51
C LEU B 468 17.63 -16.79 29.88
N SER B 469 17.13 -15.66 30.37
CA SER B 469 15.87 -15.10 29.90
C SER B 469 16.05 -13.63 29.58
N GLY B 470 15.26 -13.16 28.62
CA GLY B 470 15.25 -11.77 28.23
C GLY B 470 15.49 -11.59 26.75
N ASN B 471 15.66 -10.33 26.36
CA ASN B 471 15.92 -9.97 24.96
C ASN B 471 17.13 -9.06 24.91
N ILE B 472 18.03 -9.34 23.97
CA ILE B 472 19.21 -8.52 23.74
C ILE B 472 19.14 -7.96 22.33
N VAL B 473 19.33 -6.66 22.20
CA VAL B 473 19.29 -5.98 20.91
C VAL B 473 20.72 -5.68 20.50
N PHE B 474 21.09 -6.13 19.30
CA PHE B 474 22.43 -5.93 18.75
C PHE B 474 22.33 -5.01 17.55
N GLN B 475 23.13 -3.95 17.53
CA GLN B 475 23.23 -3.05 16.40
C GLN B 475 24.49 -3.27 15.59
N GLY B 476 24.98 -4.51 15.56
CA GLY B 476 26.22 -4.82 14.86
C GLY B 476 26.88 -6.02 15.51
N ASN B 477 28.19 -6.10 15.31
CA ASN B 477 28.99 -7.14 15.95
C ASN B 477 29.35 -6.68 17.35
N GLY B 478 28.98 -7.47 18.35
CA GLY B 478 29.27 -7.11 19.72
C GLY B 478 29.01 -8.26 20.67
N SER B 479 29.74 -8.25 21.78
CA SER B 479 29.64 -9.28 22.80
C SER B 479 29.10 -8.68 24.09
N VAL B 480 28.09 -9.34 24.67
CA VAL B 480 27.37 -8.82 25.81
C VAL B 480 27.34 -9.88 26.90
N HIS B 481 27.66 -9.47 28.13
CA HIS B 481 27.46 -10.34 29.28
C HIS B 481 25.98 -10.49 29.56
N VAL B 482 25.52 -11.74 29.67
CA VAL B 482 24.09 -12.01 29.68
C VAL B 482 23.66 -12.79 30.92
N GLY B 483 24.58 -13.56 31.51
CA GLY B 483 24.19 -14.39 32.63
C GLY B 483 25.32 -14.63 33.60
N THR B 484 24.97 -15.31 34.70
CA THR B 484 25.94 -15.69 35.72
C THR B 484 25.42 -16.94 36.43
N VAL B 485 26.30 -17.91 36.63
CA VAL B 485 25.98 -19.11 37.41
C VAL B 485 26.92 -19.12 38.60
N GLY B 486 26.35 -19.18 39.81
CA GLY B 486 27.11 -19.01 41.04
C GLY B 486 27.82 -20.22 41.60
N LEU B 487 28.95 -20.61 41.01
CA LEU B 487 29.75 -21.70 41.56
C LEU B 487 31.22 -21.41 41.29
N ASP B 488 32.08 -21.92 42.17
CA ASP B 488 33.52 -21.68 42.12
C ASP B 488 34.21 -22.84 41.43
N LEU B 489 34.96 -22.53 40.37
CA LEU B 489 35.59 -23.56 39.57
C LEU B 489 37.03 -23.84 39.96
N ASN B 490 37.53 -23.20 41.02
CA ASN B 490 38.91 -23.42 41.42
C ASN B 490 39.10 -24.80 42.03
N SER B 491 38.10 -25.28 42.77
CA SER B 491 38.22 -26.58 43.41
C SER B 491 38.16 -27.71 42.39
N SER B 492 37.42 -27.51 41.30
CA SER B 492 37.27 -28.55 40.30
C SER B 492 38.59 -28.84 39.61
N ARG B 493 38.74 -30.08 39.17
CA ARG B 493 39.92 -30.47 38.40
C ARG B 493 39.87 -29.79 37.04
N ASN B 494 40.80 -28.86 36.81
CA ASN B 494 40.72 -27.91 35.69
C ASN B 494 39.38 -27.19 35.81
N GLY B 495 38.61 -27.05 34.74
CA GLY B 495 37.30 -26.45 34.82
C GLY B 495 36.20 -27.44 34.52
N ALA B 496 36.45 -28.72 34.82
CA ALA B 496 35.52 -29.78 34.49
C ALA B 496 34.18 -29.58 35.18
N ILE B 497 33.11 -29.69 34.42
CA ILE B 497 31.75 -29.53 34.94
C ILE B 497 30.82 -30.47 34.20
N VAL B 498 29.69 -30.78 34.81
CA VAL B 498 28.57 -31.39 34.13
C VAL B 498 27.53 -30.31 33.88
N CYS B 499 27.10 -30.17 32.64
CA CYS B 499 26.19 -29.12 32.23
C CYS B 499 24.90 -29.74 31.70
N THR B 500 23.77 -29.21 32.15
CA THR B 500 22.46 -29.60 31.63
C THR B 500 21.72 -28.36 31.18
N MET B 501 21.36 -28.30 29.91
CA MET B 501 20.52 -27.23 29.39
C MET B 501 19.09 -27.73 29.37
N GLU B 502 18.31 -27.30 30.36
CA GLU B 502 16.90 -27.67 30.46
C GLU B 502 16.07 -26.54 29.87
N PHE B 503 15.34 -26.85 28.80
CA PHE B 503 14.50 -25.86 28.13
C PHE B 503 13.12 -25.91 28.74
N ILE B 504 12.76 -24.86 29.48
CA ILE B 504 11.47 -24.84 30.16
C ILE B 504 10.32 -24.69 29.17
N ASP B 505 10.45 -23.78 28.22
CA ASP B 505 9.43 -23.60 27.19
C ASP B 505 10.04 -23.68 25.80
N ASP B 506 9.26 -23.33 24.77
CA ASP B 506 9.73 -23.39 23.40
C ASP B 506 10.27 -22.05 22.91
N THR B 507 10.80 -21.23 23.82
CA THR B 507 11.42 -19.98 23.42
C THR B 507 12.67 -20.20 22.58
N TRP B 508 13.22 -21.42 22.58
CA TRP B 508 14.40 -21.70 21.78
C TRP B 508 14.14 -21.47 20.29
N LEU B 509 12.89 -21.64 19.86
CA LEU B 509 12.56 -21.43 18.45
C LEU B 509 12.73 -19.97 18.05
N SER B 510 12.74 -19.07 19.02
CA SER B 510 12.97 -17.66 18.78
C SER B 510 14.36 -17.22 19.23
N ALA B 511 15.24 -18.17 19.54
CA ALA B 511 16.56 -17.81 20.05
C ALA B 511 17.41 -17.14 18.99
N GLY B 512 17.04 -17.25 17.73
CA GLY B 512 17.75 -16.60 16.66
C GLY B 512 17.43 -15.12 16.58
N GLY B 513 18.01 -14.48 15.58
CA GLY B 513 17.76 -13.07 15.35
C GLY B 513 16.72 -12.82 14.29
N ILE B 514 17.15 -12.33 13.13
CA ILE B 514 16.22 -12.05 12.04
C ILE B 514 15.49 -13.32 11.66
N GLY B 515 14.17 -13.23 11.54
CA GLY B 515 13.32 -14.36 11.24
C GLY B 515 12.69 -15.00 12.45
N CYS B 516 13.19 -14.72 13.64
CA CYS B 516 12.65 -15.27 14.87
C CYS B 516 11.84 -14.25 15.65
N PHE B 517 11.63 -13.06 15.11
CA PHE B 517 10.81 -12.04 15.73
C PHE B 517 10.14 -11.23 14.62
N ASN B 518 9.24 -10.35 15.02
CA ASN B 518 8.53 -9.53 14.05
C ASN B 518 9.48 -8.55 13.42
N PRO B 519 9.69 -8.58 12.10
CA PRO B 519 10.62 -7.62 11.49
C PRO B 519 10.16 -6.17 11.63
N THR B 520 8.89 -5.93 11.94
CA THR B 520 8.40 -4.59 12.19
C THR B 520 8.95 -4.03 13.51
N GLU B 521 9.49 -4.87 14.39
CA GLU B 521 10.17 -4.36 15.58
C GLU B 521 11.29 -3.41 15.19
N MET B 522 11.96 -3.67 14.07
CA MET B 522 13.10 -2.88 13.65
C MET B 522 12.70 -1.52 13.09
N LEU B 523 11.46 -1.37 12.63
CA LEU B 523 11.06 -0.13 11.96
C LEU B 523 11.16 1.06 12.91
N SER B 524 10.69 0.90 14.14
CA SER B 524 10.87 1.92 15.17
C SER B 524 12.33 1.87 15.60
N GLN B 525 13.16 2.60 14.87
CA GLN B 525 14.60 2.56 15.10
C GLN B 525 14.92 2.97 16.53
N GLY B 526 15.86 2.25 17.12
CA GLY B 526 16.26 2.51 18.49
C GLY B 526 16.65 1.23 19.18
N ALA B 527 16.89 1.33 20.47
CA ALA B 527 17.23 0.20 21.31
C ALA B 527 16.01 -0.42 21.98
N GLU B 528 14.85 -0.36 21.35
CA GLU B 528 13.64 -0.91 21.95
C GLU B 528 13.77 -2.42 22.11
N TYR B 529 13.52 -2.90 23.34
CA TYR B 529 13.66 -4.32 23.66
C TYR B 529 12.28 -4.96 23.68
N GLY B 530 11.77 -5.26 22.49
CA GLY B 530 10.52 -5.98 22.39
C GLY B 530 10.69 -7.46 22.74
N ASP B 531 9.56 -8.10 23.03
CA ASP B 531 9.54 -9.52 23.33
C ASP B 531 8.85 -10.34 22.25
N SER B 532 8.99 -9.94 20.99
CA SER B 532 8.31 -10.61 19.89
C SER B 532 8.83 -12.04 19.73
N ARG B 533 7.91 -13.00 19.77
CA ARG B 533 8.28 -14.41 19.72
C ARG B 533 7.19 -15.21 19.02
N PHE B 534 7.55 -16.39 18.56
CA PHE B 534 6.59 -17.29 17.94
C PHE B 534 5.51 -17.69 18.95
N ARG B 535 4.29 -17.86 18.45
CA ARG B 535 3.16 -18.25 19.29
C ARG B 535 3.13 -19.76 19.44
N ILE B 536 3.95 -20.27 20.35
CA ILE B 536 3.96 -21.67 20.72
C ILE B 536 3.15 -21.81 22.00
N GLY B 537 2.44 -22.94 22.13
CA GLY B 537 1.56 -23.16 23.25
C GLY B 537 2.33 -23.51 24.51
N GLY B 538 1.56 -23.87 25.54
CA GLY B 538 2.17 -24.27 26.80
C GLY B 538 3.01 -25.52 26.65
N ASN B 539 4.07 -25.59 27.46
CA ASN B 539 5.02 -26.68 27.35
C ASN B 539 4.40 -28.00 27.80
N THR B 540 4.61 -29.04 27.00
CA THR B 540 4.27 -30.40 27.40
C THR B 540 5.37 -31.39 27.06
N ILE B 541 6.51 -30.94 26.55
CA ILE B 541 7.59 -31.79 26.09
C ILE B 541 8.82 -31.53 26.96
N ASN B 542 9.46 -32.61 27.40
CA ASN B 542 10.63 -32.53 28.25
C ASN B 542 11.88 -32.43 27.39
N LYS B 543 12.58 -31.30 27.48
CA LYS B 543 13.73 -31.01 26.62
C LYS B 543 14.97 -30.83 27.48
N LYS B 544 15.89 -31.79 27.41
CA LYS B 544 17.13 -31.74 28.16
C LYS B 544 18.29 -32.12 27.27
N LEU B 545 19.44 -31.49 27.50
CA LEU B 545 20.70 -31.87 26.88
C LEU B 545 21.75 -31.92 27.98
N HIS B 546 22.43 -33.05 28.12
CA HIS B 546 23.50 -33.20 29.10
C HIS B 546 24.83 -33.23 28.37
N GLN B 547 25.82 -32.53 28.91
CA GLN B 547 27.16 -32.53 28.37
C GLN B 547 28.17 -32.37 29.50
N ILE B 548 29.37 -32.90 29.30
CA ILE B 548 30.49 -32.70 30.21
C ILE B 548 31.57 -31.94 29.44
N LEU B 549 32.04 -30.85 30.02
CA LEU B 549 32.98 -29.98 29.33
C LEU B 549 33.83 -29.25 30.36
N SER B 550 34.99 -28.81 29.91
CA SER B 550 35.94 -28.12 30.78
C SER B 550 35.93 -26.64 30.47
N LEU B 551 36.02 -25.81 31.51
CA LEU B 551 36.05 -24.38 31.33
C LEU B 551 37.43 -23.87 31.73
N PRO B 552 38.34 -23.60 30.79
CA PRO B 552 39.62 -23.00 31.16
C PRO B 552 39.43 -21.64 31.80
N ALA B 553 40.32 -21.30 32.71
CA ALA B 553 40.21 -20.03 33.43
C ALA B 553 40.37 -18.86 32.47
N GLY B 554 39.34 -18.02 32.40
CA GLY B 554 39.38 -16.83 31.60
C GLY B 554 39.06 -17.01 30.13
N GLU B 555 38.86 -18.24 29.68
CA GLU B 555 38.57 -18.50 28.28
C GLU B 555 37.09 -18.73 28.07
N TYR B 556 36.63 -18.50 26.85
CA TYR B 556 35.21 -18.55 26.51
C TYR B 556 34.90 -19.86 25.83
N VAL B 557 33.88 -20.55 26.33
CA VAL B 557 33.49 -21.87 25.83
C VAL B 557 32.12 -21.73 25.17
N PRO B 558 32.01 -21.95 23.86
CA PRO B 558 30.70 -21.88 23.20
C PRO B 558 29.85 -23.10 23.51
N PHE B 559 28.56 -22.86 23.75
CA PHE B 559 27.64 -23.96 23.96
C PHE B 559 26.32 -23.81 23.23
N PHE B 560 26.04 -22.68 22.58
CA PHE B 560 24.80 -22.53 21.82
C PHE B 560 25.04 -21.56 20.69
N THR B 561 24.94 -22.04 19.46
CA THR B 561 25.12 -21.21 18.28
C THR B 561 23.84 -21.15 17.48
N ILE B 562 23.60 -20.00 16.84
CA ILE B 562 22.51 -19.85 15.89
C ILE B 562 23.09 -19.19 14.65
N LYS B 563 22.95 -19.87 13.51
CA LYS B 563 23.38 -19.34 12.23
C LYS B 563 22.15 -18.99 11.41
N GLY B 564 22.14 -17.81 10.81
CA GLY B 564 21.00 -17.40 10.04
C GLY B 564 21.32 -16.76 8.71
N THR B 565 20.66 -17.22 7.65
CA THR B 565 20.74 -16.63 6.33
C THR B 565 19.38 -16.00 6.05
N VAL B 566 19.33 -14.69 5.91
CA VAL B 566 18.08 -13.98 5.74
C VAL B 566 18.14 -13.13 4.48
N VAL B 567 16.96 -12.84 3.94
CA VAL B 567 16.82 -11.98 2.77
C VAL B 567 15.73 -10.96 3.06
N ASN B 568 16.07 -9.67 3.03
CA ASN B 568 15.07 -8.61 3.09
C ASN B 568 14.57 -8.42 1.66
N ALA B 569 13.52 -9.14 1.34
CA ALA B 569 13.09 -9.26 -0.04
C ALA B 569 12.20 -8.09 -0.45
N CYS B 570 12.05 -7.96 -1.76
CA CYS B 570 11.02 -7.13 -2.37
C CYS B 570 10.16 -8.07 -3.20
N LYS B 571 8.84 -7.98 -3.06
CA LYS B 571 7.97 -8.91 -3.76
C LYS B 571 8.22 -8.85 -5.26
N LEU B 572 8.45 -7.66 -5.77
CA LEU B 572 8.62 -7.44 -7.20
C LEU B 572 9.46 -6.18 -7.39
N GLN B 573 9.95 -6.00 -8.61
CA GLN B 573 10.70 -4.81 -8.99
C GLN B 573 9.78 -3.91 -9.79
N ALA B 574 9.18 -2.94 -9.12
CA ALA B 574 8.28 -1.98 -9.75
C ALA B 574 8.32 -0.68 -8.98
N ALA B 575 8.24 0.44 -9.70
CA ALA B 575 8.16 1.73 -9.04
C ALA B 575 6.83 1.94 -8.36
N ALA B 576 5.80 1.20 -8.79
CA ALA B 576 4.48 1.36 -8.19
C ALA B 576 4.46 0.93 -6.73
N TYR B 577 5.21 -0.11 -6.40
CA TYR B 577 5.21 -0.68 -5.06
C TYR B 577 6.59 -0.48 -4.43
N ASN B 578 6.60 0.16 -3.26
CA ASN B 578 7.84 0.47 -2.57
C ASN B 578 8.08 -0.59 -1.51
N PRO B 579 9.16 -1.37 -1.61
CA PRO B 579 9.44 -2.38 -0.58
C PRO B 579 9.90 -1.73 0.72
N THR B 580 9.65 -2.43 1.82
CA THR B 580 10.03 -1.95 3.13
C THR B 580 11.40 -2.49 3.51
N PRO B 581 12.36 -1.63 3.83
CA PRO B 581 13.65 -2.11 4.38
C PRO B 581 13.52 -2.39 5.86
N TYR B 582 13.53 -3.67 6.22
CA TYR B 582 13.35 -4.06 7.62
C TYR B 582 14.65 -3.96 8.41
N TRP B 583 15.65 -4.74 8.01
CA TRP B 583 16.92 -4.79 8.72
C TRP B 583 18.09 -4.36 7.84
N VAL B 584 17.80 -3.66 6.73
CA VAL B 584 18.83 -3.10 5.87
C VAL B 584 18.54 -1.61 5.71
N SER B 585 19.56 -0.87 5.30
CA SER B 585 19.41 0.57 5.12
C SER B 585 18.39 0.88 4.03
N GLY B 586 18.41 0.11 2.95
CA GLY B 586 17.44 0.29 1.89
C GLY B 586 17.62 -0.78 0.86
N LEU B 587 16.67 -0.84 -0.07
CA LEU B 587 16.72 -1.76 -1.20
C LEU B 587 17.05 -0.95 -2.44
N PRO B 588 18.33 -0.83 -2.81
CA PRO B 588 18.73 0.19 -3.79
C PRO B 588 18.13 0.03 -5.17
N GLY B 589 17.65 -1.16 -5.54
CA GLY B 589 17.03 -1.32 -6.83
C GLY B 589 15.83 -2.25 -6.79
N SER B 590 15.15 -2.30 -5.65
CA SER B 590 14.14 -3.32 -5.37
C SER B 590 14.77 -4.71 -5.48
N VAL B 591 16.01 -4.82 -5.05
CA VAL B 591 16.78 -6.06 -5.07
C VAL B 591 16.87 -6.58 -3.64
N GLY B 592 16.52 -7.85 -3.45
CA GLY B 592 16.58 -8.45 -2.13
C GLY B 592 17.97 -8.44 -1.53
N GLN B 593 18.08 -7.94 -0.30
CA GLN B 593 19.37 -7.81 0.38
C GLN B 593 19.59 -9.03 1.27
N THR B 594 20.54 -9.87 0.90
CA THR B 594 20.85 -11.05 1.68
C THR B 594 21.71 -10.70 2.88
N GLY B 595 21.41 -11.33 4.01
CA GLY B 595 22.17 -11.09 5.22
C GLY B 595 22.52 -12.39 5.89
N TYR B 596 23.61 -12.36 6.67
CA TYR B 596 24.07 -13.50 7.42
C TYR B 596 24.39 -13.07 8.85
N TYR B 597 24.17 -13.98 9.80
CA TYR B 597 24.51 -13.68 11.17
C TYR B 597 24.83 -14.96 11.92
N THR B 598 25.50 -14.80 13.05
CA THR B 598 25.83 -15.90 13.95
C THR B 598 25.72 -15.39 15.37
N LEU B 599 24.84 -16.00 16.15
CA LEU B 599 24.74 -15.75 17.58
C LEU B 599 25.34 -16.91 18.32
N THR B 600 26.28 -16.64 19.22
CA THR B 600 26.95 -17.68 19.99
C THR B 600 26.94 -17.33 21.45
N TYR B 601 26.57 -18.28 22.29
CA TYR B 601 26.59 -18.13 23.73
C TYR B 601 27.85 -18.78 24.28
N TYR B 602 28.59 -18.02 25.09
CA TYR B 602 29.85 -18.50 25.65
C TYR B 602 29.71 -18.67 27.15
N MET B 603 30.38 -19.68 27.67
CA MET B 603 30.46 -19.96 29.10
C MET B 603 31.89 -19.69 29.53
N ARG B 604 32.10 -18.64 30.32
CA ARG B 604 33.44 -18.25 30.74
C ARG B 604 33.65 -18.56 32.20
N ASN B 605 34.74 -19.27 32.50
CA ASN B 605 35.16 -19.51 33.88
C ASN B 605 35.92 -18.27 34.35
N ASP B 606 35.20 -17.39 35.05
CA ASP B 606 35.81 -16.15 35.52
C ASP B 606 36.89 -16.41 36.56
N GLY B 607 36.70 -17.42 37.41
CA GLY B 607 37.59 -17.67 38.52
C GLY B 607 37.21 -16.94 39.79
N ASN B 608 36.38 -15.90 39.70
CA ASN B 608 35.82 -15.23 40.87
C ASN B 608 34.56 -15.91 41.38
N ASN B 609 34.65 -17.21 41.68
CA ASN B 609 33.58 -18.12 42.08
C ASN B 609 32.31 -17.94 41.26
N ASN B 610 32.40 -17.47 40.02
CA ASN B 610 31.27 -17.25 39.15
C ASN B 610 31.56 -17.77 37.75
N ILE B 611 30.51 -18.17 37.04
CA ILE B 611 30.57 -18.47 35.61
C ILE B 611 29.74 -17.41 34.89
N SER B 612 30.37 -16.64 34.03
CA SER B 612 29.64 -15.64 33.27
C SER B 612 29.18 -16.22 31.94
N ILE B 613 28.04 -15.73 31.48
CA ILE B 613 27.46 -16.12 30.20
C ILE B 613 27.54 -14.94 29.26
N TRP B 614 28.07 -15.17 28.07
CA TRP B 614 28.29 -14.10 27.09
C TRP B 614 27.59 -14.47 25.78
N LEU B 615 26.85 -13.52 25.23
CA LEU B 615 26.21 -13.66 23.94
C LEU B 615 26.97 -12.79 22.94
N ASP B 616 27.45 -13.40 21.87
CA ASP B 616 28.18 -12.70 20.83
C ASP B 616 27.39 -12.72 19.54
N SER B 617 27.43 -11.63 18.80
CA SER B 617 26.73 -11.49 17.54
C SER B 617 27.72 -11.07 16.47
N SER B 618 27.59 -11.64 15.27
CA SER B 618 28.36 -11.24 14.10
C SER B 618 27.43 -11.18 12.91
N MET B 619 27.27 -10.00 12.33
CA MET B 619 26.32 -9.78 11.25
C MET B 619 27.02 -9.37 9.97
N SER B 620 26.34 -9.64 8.85
CA SER B 620 26.75 -9.15 7.55
C SER B 620 25.49 -8.69 6.83
N ASN B 621 25.47 -7.42 6.44
CA ASN B 621 24.34 -6.81 5.75
C ASN B 621 23.06 -6.83 6.58
N ILE B 622 23.19 -6.70 7.90
CA ILE B 622 22.06 -6.59 8.82
C ILE B 622 22.36 -5.42 9.74
N ILE B 623 21.51 -4.38 9.69
CA ILE B 623 21.78 -3.19 10.49
C ILE B 623 21.48 -3.45 11.96
N GLY B 624 20.52 -4.31 12.27
CA GLY B 624 20.20 -4.59 13.64
C GLY B 624 19.46 -5.89 13.80
N MET B 625 19.53 -6.44 15.00
CA MET B 625 18.93 -7.73 15.33
C MET B 625 18.42 -7.68 16.75
N LYS B 626 17.42 -8.52 17.03
CA LYS B 626 16.89 -8.69 18.37
C LYS B 626 17.03 -10.17 18.72
N ALA B 627 18.01 -10.48 19.56
CA ALA B 627 18.18 -11.85 20.03
C ALA B 627 17.31 -12.08 21.25
N CYS B 628 16.54 -13.16 21.23
CA CYS B 628 15.72 -13.56 22.36
C CYS B 628 16.45 -14.66 23.12
N LEU B 629 16.62 -14.46 24.42
CA LEU B 629 17.27 -15.48 25.24
C LEU B 629 16.40 -16.74 25.25
N PRO B 630 16.98 -17.92 25.03
CA PRO B 630 16.17 -19.11 24.77
C PRO B 630 15.49 -19.70 25.99
N ASN B 631 15.44 -18.96 27.11
CA ASN B 631 14.82 -19.45 28.33
C ASN B 631 15.44 -20.77 28.78
N ILE B 632 16.77 -20.83 28.73
CA ILE B 632 17.50 -22.05 29.05
C ILE B 632 17.87 -22.03 30.52
N LYS B 633 17.50 -23.09 31.24
CA LYS B 633 17.96 -23.29 32.61
C LYS B 633 19.28 -24.06 32.55
N LEU B 634 20.37 -23.39 32.92
CA LEU B 634 21.69 -24.01 32.92
C LEU B 634 21.95 -24.56 34.32
N ILE B 635 22.13 -25.87 34.42
CA ILE B 635 22.52 -26.51 35.67
C ILE B 635 23.96 -26.96 35.54
N ILE B 636 24.81 -26.50 36.43
CA ILE B 636 26.25 -26.75 36.37
C ILE B 636 26.70 -27.34 37.70
N GLN B 637 27.48 -28.41 37.64
CA GLN B 637 28.04 -29.00 38.85
C GLN B 637 29.53 -29.28 38.62
N ARG B 638 30.33 -29.00 39.64
CA ARG B 638 31.78 -29.16 39.54
C ARG B 638 32.15 -30.64 39.46
N LEU B 639 33.32 -30.89 38.88
CA LEU B 639 33.90 -32.23 38.83
C LEU B 639 35.33 -32.14 39.33
N THR B 640 35.70 -33.00 40.26
CA THR B 640 37.05 -33.02 40.79
C THR B 640 37.50 -34.44 41.12
#